data_9PUK
#
_entry.id   9PUK
#
_cell.length_a   70.215
_cell.length_b   207.941
_cell.length_c   72.823
_cell.angle_alpha   90.000
_cell.angle_beta   90.000
_cell.angle_gamma   90.000
#
_symmetry.space_group_name_H-M   'P 21 21 2'
#
loop_
_entity.id
_entity.type
_entity.pdbx_description
1 polymer 'Neutralizing monoclonal antibody Fab fragment for human leptin, heavy chain'
2 polymer 'Neutralizing monoclonal antibody Fab fragment for human leptin, light chain'
#
loop_
_entity_poly.entity_id
_entity_poly.type
_entity_poly.pdbx_seq_one_letter_code
_entity_poly.pdbx_strand_id
1 'polypeptide(L)'
;QVQLVQSGAEVKKPGSSVKVSCKASGGTFSSYAISWVRQAPGQGLEWMGGIIPIFGTANYAQKFQGRVTITADESTSTAY
MELSSLRSEDTAVYYCARSQVPSSYYYGMDVWGQGTMVTVSSASTKGPSVFPLAPSSKSTSGGTAALGCLVKDYFPEPVT
VSWNSGALTSGVHTFPAVLQSSGLYSLSSVVTVPSSSLGTQTYICNVNHKPSNTKVDKKVEPKSC
;
A,C
2 'polypeptide(L)'
;QSVLTQPPSVSGAPGQRVTISCTGGNSNIGAGYHVHWYQQLPGAAPKLLIYGDTNRPSGVPDRFSGSQSGTSASLAITGL
QADDEADYYCQSYDRSRGGWFFGGGTQLTVLGQPKAAPSVTLFPPSSEELQANKATLVCLVSDFYPGAVTVAWKADGSPV
KVGVETTKPSKQSNNKYAASSYLSLTPEQWKSHRSYSCRVTHEGSTVEKTVAPAECS
;
B,D
#
# COMPACT_ATOMS: atom_id res chain seq x y z
N VAL A 2 -24.61 -9.46 22.93
CA VAL A 2 -24.41 -8.34 22.02
C VAL A 2 -23.50 -8.77 20.87
N GLN A 3 -23.67 -8.14 19.72
CA GLN A 3 -22.83 -8.42 18.55
C GLN A 3 -22.73 -7.16 17.71
N LEU A 4 -21.53 -6.87 17.20
CA LEU A 4 -21.30 -5.76 16.29
C LEU A 4 -21.08 -6.32 14.89
N VAL A 5 -21.95 -5.93 13.95
CA VAL A 5 -21.90 -6.40 12.58
C VAL A 5 -21.43 -5.26 11.69
N GLN A 6 -20.56 -5.58 10.73
CA GLN A 6 -19.94 -4.58 9.88
C GLN A 6 -20.29 -4.84 8.41
N SER A 7 -20.11 -3.81 7.60
CA SER A 7 -20.43 -3.89 6.18
C SER A 7 -19.45 -4.83 5.48
N GLY A 8 -19.76 -5.12 4.21
CA GLY A 8 -18.98 -6.08 3.46
C GLY A 8 -17.66 -5.50 2.96
N ALA A 9 -16.78 -6.40 2.54
CA ALA A 9 -15.49 -6.00 2.00
C ALA A 9 -15.69 -5.17 0.74
N GLU A 10 -14.75 -4.26 0.49
CA GLU A 10 -14.89 -3.30 -0.61
C GLU A 10 -13.56 -3.12 -1.32
N VAL A 11 -13.66 -2.82 -2.61
CA VAL A 11 -12.52 -2.46 -3.45
C VAL A 11 -12.71 -1.01 -3.86
N LYS A 12 -11.67 -0.20 -3.67
CA LYS A 12 -11.71 1.21 -4.02
C LYS A 12 -10.42 1.58 -4.72
N LYS A 13 -10.48 2.62 -5.54
CA LYS A 13 -9.29 3.07 -6.25
C LYS A 13 -8.60 4.19 -5.47
N PRO A 14 -7.30 4.36 -5.67
CA PRO A 14 -6.59 5.41 -4.93
C PRO A 14 -7.24 6.77 -5.13
N GLY A 15 -7.54 7.45 -4.02
CA GLY A 15 -8.12 8.77 -4.05
C GLY A 15 -9.61 8.81 -3.74
N SER A 16 -10.30 7.70 -3.88
CA SER A 16 -11.74 7.64 -3.63
C SER A 16 -12.00 7.67 -2.12
N SER A 17 -13.25 7.46 -1.73
CA SER A 17 -13.64 7.45 -0.32
C SER A 17 -14.47 6.21 -0.05
N VAL A 18 -14.29 5.64 1.14
CA VAL A 18 -15.03 4.46 1.56
C VAL A 18 -15.71 4.78 2.88
N LYS A 19 -16.80 4.08 3.17
CA LYS A 19 -17.54 4.27 4.42
C LYS A 19 -17.94 2.90 4.95
N VAL A 20 -17.38 2.52 6.09
CA VAL A 20 -17.65 1.25 6.74
C VAL A 20 -18.65 1.47 7.85
N SER A 21 -19.60 0.55 8.00
CA SER A 21 -20.65 0.64 8.99
C SER A 21 -20.41 -0.36 10.12
N CYS A 22 -21.11 -0.14 11.24
CA CYS A 22 -20.95 -0.98 12.43
C CYS A 22 -22.25 -0.88 13.22
N LYS A 23 -23.15 -1.84 13.00
CA LYS A 23 -24.46 -1.88 13.64
C LYS A 23 -24.43 -2.80 14.86
N ALA A 24 -25.26 -2.48 15.83
CA ALA A 24 -25.41 -3.30 17.02
C ALA A 24 -26.49 -4.37 16.81
N SER A 25 -26.49 -5.37 17.69
CA SER A 25 -27.49 -6.43 17.67
C SER A 25 -28.06 -6.66 19.07
N GLY A 26 -28.14 -5.60 19.87
CA GLY A 26 -28.62 -5.70 21.24
C GLY A 26 -27.71 -4.98 22.22
N GLY A 27 -28.30 -4.07 22.98
CA GLY A 27 -27.60 -3.31 24.00
C GLY A 27 -27.90 -1.83 23.89
N THR A 28 -27.29 -1.06 24.80
CA THR A 28 -27.44 0.39 24.81
C THR A 28 -26.29 1.01 24.01
N PHE A 29 -26.32 0.73 22.70
CA PHE A 29 -25.25 1.08 21.79
C PHE A 29 -24.75 2.51 22.02
N SER A 30 -25.66 3.41 22.41
CA SER A 30 -25.32 4.82 22.49
C SER A 30 -24.50 5.14 23.74
N SER A 31 -24.87 4.56 24.89
CA SER A 31 -24.17 4.89 26.13
C SER A 31 -22.73 4.39 26.13
N TYR A 32 -22.40 3.44 25.25
CA TYR A 32 -21.04 2.94 25.11
C TYR A 32 -20.28 3.79 24.08
N ALA A 33 -18.99 3.53 23.98
CA ALA A 33 -18.12 4.14 22.99
C ALA A 33 -17.78 3.11 21.91
N ILE A 34 -17.56 3.61 20.69
CA ILE A 34 -17.25 2.78 19.53
C ILE A 34 -15.91 3.25 18.99
N SER A 35 -14.90 2.38 19.04
CA SER A 35 -13.58 2.67 18.51
C SER A 35 -13.41 2.00 17.15
N TRP A 36 -12.66 2.67 16.29
CA TRP A 36 -12.31 2.15 14.97
C TRP A 36 -10.80 1.94 14.93
N VAL A 37 -10.40 0.71 14.59
CA VAL A 37 -9.01 0.27 14.59
C VAL A 37 -8.73 -0.47 13.29
N ARG A 38 -7.69 -0.06 12.58
CA ARG A 38 -7.31 -0.75 11.35
C ARG A 38 -6.11 -1.65 11.59
N GLN A 39 -5.97 -2.64 10.71
CA GLN A 39 -4.84 -3.56 10.74
C GLN A 39 -4.48 -3.90 9.31
N ALA A 40 -3.26 -3.56 8.91
CA ALA A 40 -2.78 -3.89 7.58
C ALA A 40 -2.26 -5.32 7.55
N PRO A 41 -2.18 -5.93 6.36
CA PRO A 41 -1.64 -7.29 6.27
C PRO A 41 -0.24 -7.38 6.83
N GLY A 42 -0.07 -8.23 7.85
CA GLY A 42 1.21 -8.43 8.48
C GLY A 42 1.58 -7.42 9.54
N GLN A 43 0.83 -6.33 9.66
CA GLN A 43 1.09 -5.32 10.67
C GLN A 43 0.24 -5.57 11.91
N GLY A 44 0.44 -4.74 12.93
CA GLY A 44 -0.35 -4.79 14.14
C GLY A 44 -1.53 -3.84 14.08
N LEU A 45 -2.23 -3.74 15.21
CA LEU A 45 -3.40 -2.89 15.29
C LEU A 45 -2.98 -1.41 15.35
N GLU A 46 -3.82 -0.56 14.78
CA GLU A 46 -3.61 0.89 14.79
C GLU A 46 -4.90 1.57 15.20
N TRP A 47 -4.92 2.15 16.40
CA TRP A 47 -6.11 2.86 16.86
C TRP A 47 -6.36 4.07 15.96
N MET A 48 -7.40 4.00 15.13
CA MET A 48 -7.73 5.13 14.27
C MET A 48 -8.50 6.19 15.04
N GLY A 49 -9.54 5.79 15.77
CA GLY A 49 -10.32 6.78 16.49
C GLY A 49 -11.46 6.17 17.27
N GLY A 50 -12.39 7.02 17.69
CA GLY A 50 -13.53 6.56 18.45
C GLY A 50 -14.61 7.63 18.50
N ILE A 51 -15.74 7.24 19.08
CA ILE A 51 -16.87 8.15 19.20
C ILE A 51 -17.83 7.63 20.26
N ILE A 52 -18.39 8.54 21.04
CA ILE A 52 -19.51 8.26 21.94
C ILE A 52 -20.77 8.77 21.26
N PRO A 53 -21.70 7.88 20.82
CA PRO A 53 -22.86 8.33 20.04
C PRO A 53 -23.87 9.19 20.79
N ILE A 54 -24.30 8.75 21.97
CA ILE A 54 -25.36 9.46 22.70
C ILE A 54 -25.03 10.93 22.78
N PHE A 55 -23.77 11.26 23.05
CA PHE A 55 -23.31 12.64 23.09
C PHE A 55 -22.93 13.15 21.71
N GLY A 56 -22.52 12.25 20.81
CA GLY A 56 -22.14 12.65 19.48
C GLY A 56 -20.70 13.06 19.34
N THR A 57 -19.86 12.74 20.33
CA THR A 57 -18.51 13.30 20.40
C THR A 57 -17.48 12.31 19.88
N ALA A 58 -16.64 12.77 18.96
CA ALA A 58 -15.66 11.92 18.31
C ALA A 58 -14.24 12.33 18.69
N ASN A 59 -13.33 11.35 18.62
CA ASN A 59 -11.90 11.56 18.82
C ASN A 59 -11.16 10.85 17.69
N TYR A 60 -10.07 11.46 17.23
CA TYR A 60 -9.30 10.92 16.11
C TYR A 60 -7.83 10.96 16.48
N ALA A 61 -7.13 9.84 16.26
CA ALA A 61 -5.69 9.83 16.40
C ALA A 61 -5.08 10.87 15.45
N GLN A 62 -3.95 11.44 15.86
CA GLN A 62 -3.33 12.49 15.06
C GLN A 62 -2.98 12.00 13.66
N LYS A 63 -2.69 10.71 13.52
CA LYS A 63 -2.25 10.17 12.23
C LYS A 63 -3.32 10.32 11.16
N PHE A 64 -4.53 9.85 11.44
CA PHE A 64 -5.61 9.86 10.46
C PHE A 64 -6.46 11.13 10.53
N GLN A 65 -6.10 12.06 11.40
CA GLN A 65 -6.84 13.32 11.49
C GLN A 65 -6.88 14.01 10.13
N GLY A 66 -8.01 14.66 9.84
CA GLY A 66 -8.20 15.34 8.59
C GLY A 66 -8.69 14.46 7.45
N ARG A 67 -8.60 13.14 7.59
CA ARG A 67 -9.04 12.22 6.55
C ARG A 67 -10.17 11.30 6.99
N VAL A 68 -10.31 11.02 8.28
CA VAL A 68 -11.27 10.06 8.80
C VAL A 68 -12.40 10.82 9.48
N THR A 69 -13.63 10.37 9.25
CA THR A 69 -14.82 10.92 9.89
C THR A 69 -15.58 9.78 10.55
N ILE A 70 -15.71 9.84 11.88
CA ILE A 70 -16.44 8.85 12.65
C ILE A 70 -17.75 9.48 13.09
N THR A 71 -18.86 8.86 12.72
CA THR A 71 -20.20 9.33 13.07
C THR A 71 -20.96 8.18 13.71
N ALA A 72 -22.09 8.50 14.32
CA ALA A 72 -22.88 7.49 15.01
C ALA A 72 -24.36 7.86 15.00
N ASP A 73 -25.20 6.85 14.89
CA ASP A 73 -26.65 6.99 14.98
C ASP A 73 -27.15 6.18 16.16
N GLU A 74 -27.72 6.85 17.16
CA GLU A 74 -28.29 6.15 18.30
C GLU A 74 -29.62 5.50 17.95
N SER A 75 -30.35 6.09 16.99
CA SER A 75 -31.60 5.49 16.54
C SER A 75 -31.35 4.13 15.91
N THR A 76 -30.61 4.10 14.80
CA THR A 76 -30.24 2.84 14.16
C THR A 76 -29.16 2.09 14.94
N SER A 77 -28.56 2.72 15.95
CA SER A 77 -27.47 2.12 16.72
C SER A 77 -26.36 1.65 15.80
N THR A 78 -25.94 2.54 14.89
CA THR A 78 -24.95 2.21 13.87
C THR A 78 -23.89 3.29 13.82
N ALA A 79 -22.63 2.90 14.00
CA ALA A 79 -21.51 3.79 13.79
C ALA A 79 -21.03 3.70 12.34
N TYR A 80 -20.35 4.75 11.89
CA TYR A 80 -19.83 4.83 10.54
C TYR A 80 -18.44 5.45 10.58
N MET A 81 -17.52 4.88 9.82
CA MET A 81 -16.18 5.41 9.66
C MET A 81 -15.94 5.63 8.18
N GLU A 82 -15.77 6.89 7.78
CA GLU A 82 -15.56 7.26 6.39
C GLU A 82 -14.12 7.70 6.23
N LEU A 83 -13.39 7.06 5.32
CA LEU A 83 -12.01 7.39 5.01
C LEU A 83 -11.94 7.92 3.59
N SER A 84 -11.41 9.13 3.43
CA SER A 84 -11.33 9.80 2.14
C SER A 84 -9.89 9.87 1.68
N SER A 85 -9.71 10.16 0.39
CA SER A 85 -8.39 10.26 -0.23
C SER A 85 -7.59 8.98 0.02
N LEU A 86 -8.20 7.86 -0.39
CA LEU A 86 -7.61 6.56 -0.13
C LEU A 86 -6.24 6.44 -0.79
N ARG A 87 -5.44 5.51 -0.26
CA ARG A 87 -4.08 5.29 -0.74
C ARG A 87 -3.80 3.80 -0.70
N SER A 88 -2.77 3.38 -1.44
CA SER A 88 -2.41 1.97 -1.47
C SER A 88 -2.04 1.45 -0.08
N GLU A 89 -1.59 2.32 0.82
CA GLU A 89 -1.21 1.89 2.15
C GLU A 89 -2.41 1.71 3.08
N ASP A 90 -3.54 2.34 2.76
CA ASP A 90 -4.74 2.19 3.59
C ASP A 90 -5.36 0.81 3.46
N THR A 91 -5.01 0.04 2.43
CA THR A 91 -5.48 -1.33 2.27
C THR A 91 -5.33 -2.10 3.57
N ALA A 92 -6.45 -2.46 4.20
CA ALA A 92 -6.38 -3.08 5.52
C ALA A 92 -7.77 -3.54 5.96
N VAL A 93 -7.80 -4.24 7.08
CA VAL A 93 -9.04 -4.67 7.72
C VAL A 93 -9.37 -3.69 8.84
N TYR A 94 -10.57 -3.12 8.78
CA TYR A 94 -11.01 -2.12 9.75
C TYR A 94 -12.04 -2.76 10.67
N TYR A 95 -11.75 -2.75 11.96
CA TYR A 95 -12.62 -3.28 13.00
C TYR A 95 -13.27 -2.13 13.76
N CYS A 96 -14.48 -2.36 14.22
CA CYS A 96 -15.12 -1.52 15.22
C CYS A 96 -15.24 -2.31 16.52
N ALA A 97 -15.02 -1.62 17.64
CA ALA A 97 -14.96 -2.27 18.94
C ALA A 97 -15.71 -1.42 19.95
N ARG A 98 -16.70 -2.02 20.60
CA ARG A 98 -17.43 -1.36 21.68
C ARG A 98 -16.58 -1.34 22.95
N SER A 99 -16.85 -0.36 23.80
CA SER A 99 -16.12 -0.20 25.05
C SER A 99 -16.91 0.75 25.94
N GLN A 100 -17.17 0.34 27.18
CA GLN A 100 -17.98 1.16 28.05
C GLN A 100 -17.22 2.42 28.45
N VAL A 101 -17.94 3.54 28.51
CA VAL A 101 -17.33 4.83 28.83
C VAL A 101 -18.06 5.45 30.02
N GLY A 108 -11.56 0.14 27.74
CA GLY A 108 -11.28 -1.23 27.36
C GLY A 108 -12.31 -1.80 26.40
N MET A 109 -11.84 -2.31 25.27
CA MET A 109 -12.71 -2.82 24.22
C MET A 109 -12.95 -4.31 24.41
N ASP A 110 -14.20 -4.68 24.67
CA ASP A 110 -14.58 -6.05 24.97
C ASP A 110 -15.42 -6.71 23.90
N VAL A 111 -16.01 -5.93 22.99
CA VAL A 111 -16.86 -6.44 21.92
C VAL A 111 -16.30 -5.92 20.60
N TRP A 112 -15.63 -6.79 19.85
CA TRP A 112 -15.08 -6.43 18.55
C TRP A 112 -16.01 -6.92 17.43
N GLY A 113 -15.85 -6.32 16.26
CA GLY A 113 -16.59 -6.72 15.08
C GLY A 113 -15.83 -7.76 14.26
N GLN A 114 -16.46 -8.18 13.17
CA GLN A 114 -15.83 -9.16 12.31
C GLN A 114 -14.72 -8.57 11.44
N GLY A 115 -14.73 -7.26 11.24
CA GLY A 115 -13.74 -6.61 10.41
C GLY A 115 -14.18 -6.48 8.97
N THR A 116 -13.89 -5.35 8.34
CA THR A 116 -14.21 -5.10 6.95
C THR A 116 -12.92 -4.90 6.18
N MET A 117 -12.70 -5.73 5.15
CA MET A 117 -11.50 -5.63 4.33
C MET A 117 -11.71 -4.56 3.27
N VAL A 118 -10.87 -3.53 3.29
CA VAL A 118 -10.91 -2.45 2.32
C VAL A 118 -9.62 -2.54 1.53
N THR A 119 -9.75 -2.78 0.22
CA THR A 119 -8.60 -2.94 -0.67
C THR A 119 -8.53 -1.75 -1.62
N VAL A 120 -7.45 -0.98 -1.51
CA VAL A 120 -7.24 0.20 -2.34
C VAL A 120 -6.24 -0.20 -3.42
N SER A 121 -6.74 -0.41 -4.64
CA SER A 121 -5.89 -0.76 -5.76
C SER A 121 -6.62 -0.38 -7.04
N SER A 122 -5.84 0.04 -8.04
CA SER A 122 -6.41 0.40 -9.33
C SER A 122 -6.86 -0.81 -10.13
N ALA A 123 -6.75 -2.02 -9.57
CA ALA A 123 -7.21 -3.22 -10.24
C ALA A 123 -8.74 -3.30 -10.20
N SER A 124 -9.27 -4.37 -10.78
CA SER A 124 -10.71 -4.59 -10.88
C SER A 124 -11.08 -5.95 -10.28
N THR A 125 -12.22 -5.99 -9.60
CA THR A 125 -12.68 -7.25 -9.00
C THR A 125 -12.95 -8.29 -10.08
N LYS A 126 -12.63 -9.54 -9.77
CA LYS A 126 -12.82 -10.66 -10.69
C LYS A 126 -13.11 -11.92 -9.89
N GLY A 127 -14.02 -12.74 -10.41
CA GLY A 127 -14.35 -14.00 -9.78
C GLY A 127 -13.36 -15.08 -10.13
N PRO A 128 -13.41 -16.17 -9.37
CA PRO A 128 -12.44 -17.25 -9.55
C PRO A 128 -12.85 -18.27 -10.61
N SER A 129 -11.85 -19.00 -11.09
CA SER A 129 -12.06 -20.21 -11.88
C SER A 129 -11.75 -21.40 -10.99
N VAL A 130 -12.76 -22.23 -10.73
CA VAL A 130 -12.66 -23.33 -9.79
C VAL A 130 -12.46 -24.62 -10.58
N PHE A 131 -11.26 -25.17 -10.51
CA PHE A 131 -10.95 -26.42 -11.18
C PHE A 131 -10.86 -27.57 -10.16
N PRO A 132 -11.22 -28.79 -10.57
CA PRO A 132 -11.15 -29.93 -9.64
C PRO A 132 -9.80 -30.63 -9.69
N LEU A 133 -9.23 -30.90 -8.53
CA LEU A 133 -7.98 -31.66 -8.41
C LEU A 133 -8.37 -33.09 -8.04
N ALA A 134 -8.33 -33.98 -9.03
CA ALA A 134 -8.78 -35.35 -8.86
C ALA A 134 -7.68 -36.22 -8.25
N PRO A 135 -8.05 -37.25 -7.48
CA PRO A 135 -7.07 -38.13 -6.85
C PRO A 135 -6.46 -39.14 -7.82
N GLY A 143 -3.99 -46.12 1.85
CA GLY A 143 -5.41 -46.27 2.13
C GLY A 143 -6.16 -44.95 2.15
N THR A 144 -5.46 -43.87 1.78
CA THR A 144 -6.00 -42.52 1.83
C THR A 144 -5.78 -41.85 0.48
N ALA A 145 -6.85 -41.38 -0.13
CA ALA A 145 -6.76 -40.54 -1.32
C ALA A 145 -6.96 -39.08 -0.92
N ALA A 146 -6.50 -38.18 -1.78
CA ALA A 146 -6.60 -36.76 -1.54
C ALA A 146 -7.15 -36.07 -2.77
N LEU A 147 -8.28 -35.37 -2.62
CA LEU A 147 -8.88 -34.62 -3.70
C LEU A 147 -8.96 -33.16 -3.28
N GLY A 148 -9.30 -32.28 -4.22
CA GLY A 148 -9.33 -30.89 -3.83
C GLY A 148 -9.89 -29.98 -4.91
N CYS A 149 -9.78 -28.69 -4.64
CA CYS A 149 -10.25 -27.65 -5.55
C CYS A 149 -9.23 -26.53 -5.63
N LEU A 150 -9.00 -26.06 -6.85
CA LEU A 150 -8.10 -24.95 -7.15
C LEU A 150 -8.94 -23.74 -7.52
N VAL A 151 -8.88 -22.70 -6.71
CA VAL A 151 -9.61 -21.45 -6.92
C VAL A 151 -8.61 -20.46 -7.51
N LYS A 152 -8.60 -20.32 -8.84
CA LYS A 152 -7.57 -19.57 -9.55
C LYS A 152 -8.08 -18.21 -10.01
N ASP A 153 -7.14 -17.28 -10.18
CA ASP A 153 -7.38 -16.03 -10.90
C ASP A 153 -8.64 -15.32 -10.39
N TYR A 154 -8.52 -14.82 -9.15
CA TYR A 154 -9.57 -14.03 -8.54
C TYR A 154 -8.94 -12.83 -7.84
N PHE A 155 -9.76 -11.80 -7.60
CA PHE A 155 -9.28 -10.60 -6.92
C PHE A 155 -10.49 -9.82 -6.42
N PRO A 156 -10.43 -9.22 -5.22
CA PRO A 156 -9.36 -9.27 -4.22
C PRO A 156 -9.60 -10.41 -3.24
N GLU A 157 -8.79 -10.52 -2.19
CA GLU A 157 -9.12 -11.42 -1.10
C GLU A 157 -10.43 -10.98 -0.46
N PRO A 158 -11.12 -11.89 0.25
CA PRO A 158 -10.88 -13.31 0.40
C PRO A 158 -11.91 -14.19 -0.32
N VAL A 159 -11.65 -15.48 -0.44
CA VAL A 159 -12.66 -16.45 -0.85
C VAL A 159 -12.83 -17.43 0.30
N THR A 160 -14.03 -18.04 0.37
CA THR A 160 -14.34 -19.01 1.40
C THR A 160 -14.70 -20.35 0.73
N VAL A 161 -14.15 -21.43 1.27
CA VAL A 161 -14.31 -22.77 0.71
C VAL A 161 -14.89 -23.70 1.76
N SER A 162 -15.93 -24.43 1.38
CA SER A 162 -16.51 -25.49 2.20
C SER A 162 -16.59 -26.76 1.37
N TRP A 163 -16.94 -27.87 2.02
CA TRP A 163 -17.07 -29.16 1.35
C TRP A 163 -18.39 -29.81 1.74
N ASN A 164 -19.14 -30.27 0.73
CA ASN A 164 -20.49 -30.77 0.93
C ASN A 164 -21.33 -29.79 1.73
N SER A 165 -21.11 -28.50 1.45
CA SER A 165 -21.84 -27.39 2.06
C SER A 165 -21.61 -27.28 3.56
N GLY A 166 -20.53 -27.90 4.05
CA GLY A 166 -20.21 -27.91 5.46
C GLY A 166 -20.31 -29.26 6.11
N ALA A 167 -20.86 -30.26 5.41
CA ALA A 167 -21.01 -31.58 5.99
C ALA A 167 -19.68 -32.31 6.13
N LEU A 168 -18.68 -31.94 5.33
CA LEU A 168 -17.37 -32.57 5.35
C LEU A 168 -16.37 -31.59 5.94
N THR A 169 -15.83 -31.93 7.12
CA THR A 169 -14.77 -31.18 7.76
C THR A 169 -13.55 -32.04 8.07
N SER A 170 -13.70 -33.36 8.08
CA SER A 170 -12.60 -34.27 8.39
C SER A 170 -11.56 -34.24 7.29
N GLY A 171 -10.33 -33.90 7.64
CA GLY A 171 -9.24 -33.92 6.69
C GLY A 171 -9.18 -32.73 5.76
N VAL A 172 -9.92 -31.67 6.05
CA VAL A 172 -9.96 -30.49 5.19
C VAL A 172 -8.81 -29.56 5.54
N HIS A 173 -8.18 -29.01 4.51
CA HIS A 173 -7.10 -28.03 4.67
C HIS A 173 -7.23 -27.01 3.56
N THR A 174 -7.57 -25.77 3.92
CA THR A 174 -7.63 -24.66 2.99
C THR A 174 -6.37 -23.82 3.17
N PHE A 175 -5.49 -23.87 2.17
CA PHE A 175 -4.19 -23.21 2.24
C PHE A 175 -4.32 -21.72 1.97
N PRO A 176 -3.32 -20.93 2.36
CA PRO A 176 -3.35 -19.49 2.06
C PRO A 176 -3.19 -19.25 0.57
N ALA A 177 -3.71 -18.11 0.13
CA ALA A 177 -3.64 -17.74 -1.27
C ALA A 177 -2.23 -17.25 -1.63
N VAL A 178 -1.98 -17.11 -2.93
CA VAL A 178 -0.73 -16.58 -3.45
C VAL A 178 -1.05 -15.51 -4.49
N LEU A 179 -0.41 -14.35 -4.38
CA LEU A 179 -0.61 -13.27 -5.34
C LEU A 179 0.28 -13.57 -6.54
N GLN A 180 -0.31 -14.14 -7.59
CA GLN A 180 0.42 -14.44 -8.81
C GLN A 180 0.99 -13.17 -9.44
N SER A 181 1.93 -13.36 -10.37
CA SER A 181 2.52 -12.23 -11.06
C SER A 181 1.50 -11.45 -11.88
N SER A 182 0.35 -12.06 -12.17
CA SER A 182 -0.73 -11.38 -12.89
C SER A 182 -1.57 -10.48 -11.99
N GLY A 183 -1.22 -10.36 -10.71
CA GLY A 183 -2.00 -9.59 -9.78
C GLY A 183 -3.24 -10.29 -9.26
N LEU A 184 -3.53 -11.50 -9.74
CA LEU A 184 -4.67 -12.26 -9.27
C LEU A 184 -4.22 -13.35 -8.31
N TYR A 185 -5.05 -13.63 -7.32
CA TYR A 185 -4.74 -14.64 -6.32
C TYR A 185 -5.13 -16.03 -6.82
N SER A 186 -4.55 -17.04 -6.16
CA SER A 186 -4.87 -18.43 -6.44
C SER A 186 -4.74 -19.21 -5.14
N LEU A 187 -5.74 -20.03 -4.85
CA LEU A 187 -5.85 -20.74 -3.59
C LEU A 187 -6.16 -22.21 -3.87
N SER A 188 -5.89 -23.06 -2.90
CA SER A 188 -6.21 -24.47 -3.01
C SER A 188 -6.80 -24.95 -1.70
N SER A 189 -7.78 -25.84 -1.78
CA SER A 189 -8.35 -26.49 -0.61
C SER A 189 -8.44 -27.99 -0.89
N VAL A 190 -7.81 -28.80 -0.04
CA VAL A 190 -7.79 -30.24 -0.25
C VAL A 190 -8.50 -30.93 0.91
N VAL A 191 -8.91 -32.16 0.66
CA VAL A 191 -9.48 -33.03 1.67
C VAL A 191 -9.02 -34.45 1.40
N THR A 192 -8.58 -35.13 2.46
CA THR A 192 -8.15 -36.52 2.41
C THR A 192 -9.31 -37.41 2.86
N VAL A 193 -9.56 -38.47 2.11
CA VAL A 193 -10.69 -39.35 2.35
C VAL A 193 -10.26 -40.80 2.16
N PRO A 194 -11.07 -41.74 2.62
CA PRO A 194 -10.80 -43.15 2.29
C PRO A 194 -10.90 -43.38 0.79
N SER A 195 -10.02 -44.23 0.27
CA SER A 195 -10.03 -44.53 -1.15
C SER A 195 -11.29 -45.31 -1.54
N SER A 196 -11.76 -46.20 -0.67
CA SER A 196 -12.91 -47.03 -1.00
C SER A 196 -14.18 -46.20 -1.17
N SER A 197 -14.25 -45.03 -0.55
CA SER A 197 -15.46 -44.20 -0.64
C SER A 197 -15.51 -43.36 -1.90
N LEU A 198 -14.47 -43.37 -2.74
CA LEU A 198 -14.47 -42.52 -3.92
C LEU A 198 -15.55 -42.92 -4.91
N GLY A 199 -15.94 -44.20 -4.92
CA GLY A 199 -16.98 -44.65 -5.82
C GLY A 199 -18.38 -44.32 -5.37
N THR A 200 -18.61 -44.35 -4.06
CA THR A 200 -19.97 -44.18 -3.52
C THR A 200 -20.27 -42.72 -3.19
N GLN A 201 -19.45 -42.11 -2.35
CA GLN A 201 -19.75 -40.77 -1.87
C GLN A 201 -19.42 -39.72 -2.91
N THR A 202 -20.11 -38.59 -2.82
CA THR A 202 -19.90 -37.45 -3.69
C THR A 202 -19.22 -36.34 -2.90
N TYR A 203 -18.13 -35.80 -3.44
CA TYR A 203 -17.40 -34.70 -2.84
C TYR A 203 -17.53 -33.47 -3.73
N ILE A 204 -17.99 -32.37 -3.16
CA ILE A 204 -18.20 -31.12 -3.88
C ILE A 204 -17.63 -30.00 -3.04
N CYS A 205 -16.82 -29.14 -3.66
CA CYS A 205 -16.27 -27.97 -2.99
C CYS A 205 -17.11 -26.75 -3.36
N ASN A 206 -17.49 -25.98 -2.35
CA ASN A 206 -18.31 -24.79 -2.50
C ASN A 206 -17.42 -23.58 -2.26
N VAL A 207 -17.10 -22.85 -3.31
CA VAL A 207 -16.28 -21.65 -3.26
C VAL A 207 -17.19 -20.44 -3.34
N ASN A 208 -16.88 -19.42 -2.55
CA ASN A 208 -17.67 -18.19 -2.50
C ASN A 208 -16.74 -17.00 -2.46
N HIS A 209 -16.84 -16.14 -3.47
CA HIS A 209 -16.05 -14.91 -3.59
C HIS A 209 -17.04 -13.75 -3.58
N LYS A 210 -17.26 -13.18 -2.40
CA LYS A 210 -18.29 -12.16 -2.22
C LYS A 210 -17.92 -10.85 -2.91
N PRO A 211 -16.64 -10.46 -2.96
CA PRO A 211 -16.30 -9.24 -3.70
C PRO A 211 -16.85 -9.21 -5.11
N SER A 212 -16.84 -10.35 -5.81
CA SER A 212 -17.44 -10.47 -7.13
C SER A 212 -18.78 -11.18 -7.10
N ASN A 213 -19.30 -11.48 -5.91
CA ASN A 213 -20.61 -12.11 -5.76
C ASN A 213 -20.71 -13.39 -6.60
N THR A 214 -19.69 -14.24 -6.46
CA THR A 214 -19.63 -15.51 -7.18
C THR A 214 -19.74 -16.66 -6.19
N LYS A 215 -20.46 -17.71 -6.59
CA LYS A 215 -20.57 -18.92 -5.79
C LYS A 215 -20.62 -20.12 -6.74
N VAL A 216 -19.74 -21.09 -6.50
CA VAL A 216 -19.58 -22.23 -7.40
C VAL A 216 -19.45 -23.50 -6.57
N ASP A 217 -20.27 -24.50 -6.89
CA ASP A 217 -20.18 -25.83 -6.28
C ASP A 217 -19.65 -26.78 -7.35
N LYS A 218 -18.38 -27.16 -7.21
CA LYS A 218 -17.69 -27.99 -8.20
C LYS A 218 -17.47 -29.38 -7.62
N LYS A 219 -17.92 -30.39 -8.34
CA LYS A 219 -17.80 -31.77 -7.88
C LYS A 219 -16.47 -32.34 -8.36
N VAL A 220 -15.72 -32.93 -7.44
CA VAL A 220 -14.41 -33.51 -7.73
C VAL A 220 -14.62 -35.01 -7.95
N GLU A 221 -14.46 -35.46 -9.20
CA GLU A 221 -14.62 -36.86 -9.56
C GLU A 221 -13.29 -37.47 -9.99
N PRO A 222 -13.04 -38.75 -9.66
CA PRO A 222 -11.79 -39.38 -10.07
C PRO A 222 -11.57 -39.35 -11.58
N VAL B 3 4.65 3.59 20.63
CA VAL B 3 4.81 4.18 21.95
C VAL B 3 5.14 3.10 22.96
N LEU B 4 4.43 1.98 22.89
CA LEU B 4 4.67 0.85 23.77
C LEU B 4 5.53 -0.18 23.04
N THR B 5 6.57 -0.65 23.72
CA THR B 5 7.52 -1.59 23.14
C THR B 5 7.20 -2.99 23.64
N GLN B 6 7.18 -3.95 22.73
CA GLN B 6 6.90 -5.34 23.05
C GLN B 6 7.95 -6.23 22.39
N PRO B 7 8.32 -7.33 23.05
CA PRO B 7 9.26 -8.26 22.40
C PRO B 7 8.67 -8.83 21.13
N PRO B 8 9.45 -8.87 20.04
CA PRO B 8 8.87 -9.35 18.77
C PRO B 8 8.34 -10.76 18.84
N SER B 9 8.89 -11.61 19.70
CA SER B 9 8.45 -12.99 19.79
C SER B 9 8.91 -13.60 21.11
N VAL B 10 8.08 -14.49 21.66
CA VAL B 10 8.43 -15.29 22.82
C VAL B 10 7.95 -16.71 22.57
N SER B 11 8.68 -17.67 23.11
CA SER B 11 8.38 -19.09 22.87
C SER B 11 8.57 -19.89 24.15
N GLY B 12 7.83 -20.98 24.25
CA GLY B 12 7.94 -21.87 25.38
C GLY B 12 7.21 -23.17 25.11
N ALA B 13 7.65 -24.22 25.80
CA ALA B 13 7.08 -25.54 25.61
C ALA B 13 5.78 -25.69 26.41
N PRO B 14 4.93 -26.66 26.06
CA PRO B 14 3.68 -26.83 26.80
C PRO B 14 3.93 -27.04 28.29
N GLY B 15 3.13 -26.35 29.10
CA GLY B 15 3.23 -26.43 30.54
C GLY B 15 4.16 -25.43 31.19
N GLN B 16 4.86 -24.61 30.41
CA GLN B 16 5.77 -23.62 30.93
C GLN B 16 5.04 -22.30 31.20
N ARG B 17 5.70 -21.43 31.96
CA ARG B 17 5.20 -20.08 32.22
C ARG B 17 5.94 -19.09 31.34
N VAL B 18 5.19 -18.28 30.60
CA VAL B 18 5.76 -17.28 29.70
C VAL B 18 5.36 -15.90 30.20
N THR B 19 6.24 -14.93 29.98
CA THR B 19 6.01 -13.55 30.41
C THR B 19 6.30 -12.61 29.24
N ILE B 20 5.29 -11.85 28.84
CA ILE B 20 5.41 -10.87 27.77
C ILE B 20 5.44 -9.48 28.41
N SER B 21 6.40 -8.66 28.01
CA SER B 21 6.60 -7.34 28.61
C SER B 21 6.08 -6.24 27.71
N CYS B 22 5.80 -5.09 28.33
CA CYS B 22 5.29 -3.92 27.62
C CYS B 22 5.78 -2.70 28.39
N THR B 23 6.71 -1.95 27.79
CA THR B 23 7.38 -0.85 28.48
C THR B 23 7.07 0.46 27.77
N GLY B 24 6.95 1.53 28.55
CA GLY B 24 6.72 2.85 28.02
C GLY B 24 7.35 3.88 28.94
N GLY B 25 6.79 5.09 28.93
CA GLY B 25 7.28 6.18 29.73
C GLY B 25 6.31 6.59 30.82
N ASN B 26 6.60 7.76 31.41
CA ASN B 26 5.77 8.29 32.49
C ASN B 26 4.47 8.90 31.98
N SER B 27 4.32 9.09 30.68
CA SER B 27 3.09 9.65 30.11
C SER B 27 2.04 8.59 29.81
N ASN B 28 2.42 7.32 29.70
CA ASN B 28 1.47 6.26 29.40
C ASN B 28 1.36 5.27 30.56
N ILE B 29 2.18 4.21 30.56
CA ILE B 29 2.07 3.20 31.62
C ILE B 29 2.29 3.85 32.98
N GLY B 30 3.32 4.68 33.09
CA GLY B 30 3.45 5.55 34.23
C GLY B 30 2.35 6.60 34.24
N ALA B 31 2.18 7.23 35.39
CA ALA B 31 1.18 8.26 35.67
C ALA B 31 -0.19 7.66 35.96
N GLY B 32 -0.33 6.33 35.96
CA GLY B 32 -1.54 5.66 36.42
C GLY B 32 -2.27 4.90 35.34
N TYR B 33 -2.23 5.39 34.10
CA TYR B 33 -3.02 4.82 33.01
C TYR B 33 -2.80 3.31 32.92
N HIS B 34 -3.91 2.57 32.90
CA HIS B 34 -3.86 1.12 32.96
C HIS B 34 -3.36 0.54 31.63
N VAL B 35 -3.04 -0.75 31.65
CA VAL B 35 -2.50 -1.46 30.51
C VAL B 35 -3.40 -2.64 30.20
N HIS B 36 -4.04 -2.62 29.03
CA HIS B 36 -4.89 -3.71 28.59
C HIS B 36 -4.08 -4.68 27.73
N TRP B 37 -4.51 -5.94 27.71
CA TRP B 37 -3.84 -6.99 26.94
C TRP B 37 -4.88 -7.72 26.12
N TYR B 38 -4.63 -7.79 24.80
CA TYR B 38 -5.53 -8.42 23.84
C TYR B 38 -4.84 -9.60 23.18
N GLN B 39 -5.61 -10.65 22.92
CA GLN B 39 -5.16 -11.85 22.24
C GLN B 39 -5.82 -11.95 20.87
N GLN B 40 -5.00 -12.16 19.84
CA GLN B 40 -5.47 -12.30 18.46
C GLN B 40 -4.98 -13.64 17.94
N LEU B 41 -5.91 -14.56 17.68
CA LEU B 41 -5.58 -15.86 17.13
C LEU B 41 -5.41 -15.76 15.62
N PRO B 42 -4.67 -16.71 15.01
CA PRO B 42 -4.45 -16.65 13.56
C PRO B 42 -5.74 -16.46 12.77
N GLY B 43 -5.87 -15.31 12.11
CA GLY B 43 -7.04 -15.03 11.30
C GLY B 43 -8.30 -14.82 12.11
N ALA B 44 -8.27 -13.88 13.05
CA ALA B 44 -9.43 -13.59 13.89
C ALA B 44 -9.31 -12.17 14.41
N ALA B 45 -10.41 -11.67 14.96
CA ALA B 45 -10.41 -10.34 15.56
C ALA B 45 -9.89 -10.42 17.00
N PRO B 46 -9.22 -9.36 17.47
CA PRO B 46 -8.71 -9.38 18.85
C PRO B 46 -9.78 -9.69 19.89
N LYS B 47 -9.34 -10.19 21.05
CA LYS B 47 -10.21 -10.42 22.19
C LYS B 47 -9.55 -9.83 23.42
N LEU B 48 -10.37 -9.41 24.38
CA LEU B 48 -9.84 -8.77 25.58
C LEU B 48 -9.44 -9.84 26.59
N LEU B 49 -8.13 -9.98 26.80
CA LEU B 49 -7.61 -10.90 27.82
C LEU B 49 -7.59 -10.21 29.19
N ILE B 50 -6.73 -9.21 29.35
CA ILE B 50 -6.58 -8.52 30.63
C ILE B 50 -6.98 -7.07 30.47
N TYR B 51 -7.58 -6.51 31.51
CA TYR B 51 -7.90 -5.10 31.57
C TYR B 51 -7.65 -4.60 32.98
N GLY B 52 -7.28 -3.33 33.09
CA GLY B 52 -6.95 -2.78 34.40
C GLY B 52 -5.72 -3.38 35.03
N ASP B 53 -4.79 -3.88 34.21
CA ASP B 53 -3.49 -4.37 34.67
C ASP B 53 -3.54 -5.75 35.29
N THR B 54 -4.67 -6.14 35.88
CA THR B 54 -4.71 -7.42 36.60
C THR B 54 -6.08 -8.08 36.63
N ASN B 55 -7.11 -7.52 36.02
CA ASN B 55 -8.45 -8.08 36.04
C ASN B 55 -8.75 -8.82 34.75
N ARG B 56 -9.64 -9.82 34.83
CA ARG B 56 -9.97 -10.65 33.69
C ARG B 56 -11.46 -10.52 33.38
N PRO B 57 -11.84 -10.55 32.08
CA PRO B 57 -13.29 -10.62 31.77
C PRO B 57 -13.90 -11.97 32.13
N VAL B 60 -12.02 -15.46 30.15
CA VAL B 60 -10.57 -15.62 30.19
C VAL B 60 -10.20 -16.57 31.33
N PRO B 61 -9.43 -17.61 31.05
CA PRO B 61 -9.00 -18.52 32.11
C PRO B 61 -8.09 -17.83 33.12
N ASP B 62 -8.01 -18.44 34.31
CA ASP B 62 -7.13 -17.92 35.36
C ASP B 62 -5.67 -18.03 34.99
N ARG B 63 -5.32 -18.87 34.00
CA ARG B 63 -3.92 -19.03 33.61
C ARG B 63 -3.31 -17.70 33.19
N PHE B 64 -4.09 -16.83 32.55
CA PHE B 64 -3.62 -15.52 32.16
C PHE B 64 -3.68 -14.55 33.33
N SER B 65 -2.62 -13.75 33.50
CA SER B 65 -2.59 -12.76 34.56
C SER B 65 -1.76 -11.57 34.09
N GLY B 66 -1.92 -10.45 34.78
CA GLY B 66 -1.20 -9.24 34.43
C GLY B 66 -0.67 -8.54 35.67
N SER B 67 0.43 -7.82 35.49
CA SER B 67 1.04 -7.04 36.56
C SER B 67 1.62 -5.77 35.98
N GLN B 68 1.77 -4.76 36.84
CA GLN B 68 2.25 -3.44 36.45
C GLN B 68 3.17 -2.89 37.52
N SER B 69 4.35 -2.42 37.11
CA SER B 69 5.32 -1.86 38.03
C SER B 69 6.08 -0.75 37.33
N GLY B 70 6.12 0.43 37.95
CA GLY B 70 6.83 1.55 37.37
C GLY B 70 6.29 1.89 36.01
N THR B 71 7.17 1.89 35.00
CA THR B 71 6.80 2.15 33.62
C THR B 71 6.75 0.87 32.78
N SER B 72 6.45 -0.27 33.41
CA SER B 72 6.41 -1.54 32.70
C SER B 72 5.19 -2.32 33.13
N ALA B 73 4.71 -3.17 32.22
CA ALA B 73 3.65 -4.13 32.49
C ALA B 73 4.07 -5.48 31.94
N SER B 74 3.47 -6.54 32.48
CA SER B 74 3.82 -7.88 32.07
C SER B 74 2.58 -8.77 32.13
N LEU B 75 2.43 -9.61 31.11
CA LEU B 75 1.37 -10.60 31.02
C LEU B 75 2.00 -11.97 31.22
N ALA B 76 1.51 -12.72 32.20
CA ALA B 76 2.02 -14.05 32.51
C ALA B 76 1.01 -15.10 32.11
N ILE B 77 1.47 -16.10 31.36
CA ILE B 77 0.67 -17.24 30.93
C ILE B 77 1.30 -18.48 31.55
N THR B 78 0.62 -19.06 32.53
CA THR B 78 1.08 -20.27 33.19
C THR B 78 0.40 -21.48 32.56
N GLY B 79 1.11 -22.62 32.59
CA GLY B 79 0.59 -23.82 31.96
C GLY B 79 0.29 -23.60 30.49
N LEU B 80 1.31 -23.18 29.74
CA LEU B 80 1.13 -22.86 28.33
C LEU B 80 0.42 -23.99 27.60
N GLN B 81 -0.53 -23.61 26.75
CA GLN B 81 -1.29 -24.55 25.94
C GLN B 81 -1.11 -24.24 24.46
N ALA B 82 -1.44 -25.21 23.62
CA ALA B 82 -1.34 -24.99 22.18
C ALA B 82 -2.26 -23.86 21.74
N ASP B 83 -3.42 -23.71 22.37
CA ASP B 83 -4.36 -22.66 22.02
C ASP B 83 -3.85 -21.27 22.36
N ASP B 84 -2.74 -21.16 23.08
CA ASP B 84 -2.21 -19.86 23.49
C ASP B 84 -1.34 -19.21 22.42
N GLU B 85 -0.82 -19.99 21.47
CA GLU B 85 -0.01 -19.41 20.40
C GLU B 85 -0.84 -18.37 19.66
N ALA B 86 -0.37 -17.13 19.66
CA ALA B 86 -1.17 -16.04 19.11
C ALA B 86 -0.41 -14.73 19.27
N ASP B 87 -0.98 -13.67 18.68
CA ASP B 87 -0.43 -12.33 18.84
C ASP B 87 -1.01 -11.68 20.09
N TYR B 88 -0.16 -11.07 20.90
CA TYR B 88 -0.58 -10.40 22.12
C TYR B 88 -0.22 -8.92 21.99
N TYR B 89 -1.21 -8.06 22.21
CA TYR B 89 -1.03 -6.62 22.07
C TYR B 89 -1.34 -5.94 23.40
N CYS B 90 -0.42 -5.08 23.85
CA CYS B 90 -0.67 -4.25 25.01
C CYS B 90 -1.12 -2.87 24.56
N GLN B 91 -2.17 -2.35 25.19
CA GLN B 91 -2.75 -1.06 24.86
C GLN B 91 -2.72 -0.16 26.08
N SER B 92 -2.43 1.11 25.86
CA SER B 92 -2.40 2.07 26.97
C SER B 92 -2.72 3.46 26.45
N TYR B 93 -3.20 4.31 27.35
CA TYR B 93 -3.56 5.68 27.02
C TYR B 93 -2.33 6.58 27.18
N ASP B 94 -1.88 7.16 26.08
CA ASP B 94 -0.81 8.14 26.11
C ASP B 94 -1.41 9.52 26.38
N ARG B 95 -0.90 10.17 27.43
CA ARG B 95 -1.40 11.47 27.86
C ARG B 95 -0.85 12.61 27.01
N SER B 96 0.39 12.49 26.52
CA SER B 96 0.97 13.53 25.69
C SER B 96 0.28 13.59 24.33
N ARG B 97 0.18 12.45 23.66
CA ARG B 97 -0.54 12.34 22.40
C ARG B 97 -2.04 12.25 22.59
N GLY B 98 -2.51 12.00 23.81
CA GLY B 98 -3.92 11.98 24.09
C GLY B 98 -4.66 10.92 23.29
N GLY B 99 -4.41 9.65 23.53
CA GLY B 99 -5.15 8.63 22.81
C GLY B 99 -4.68 7.25 23.19
N TRP B 100 -5.53 6.27 22.92
CA TRP B 100 -5.24 4.87 23.26
C TRP B 100 -4.41 4.25 22.14
N PHE B 101 -3.18 3.85 22.45
CA PHE B 101 -2.27 3.33 21.45
C PHE B 101 -1.76 1.95 21.84
N PHE B 102 -1.67 1.08 20.83
CA PHE B 102 -1.23 -0.30 21.01
C PHE B 102 0.29 -0.40 20.99
N GLY B 103 0.78 -1.60 21.27
CA GLY B 103 2.18 -1.93 21.15
C GLY B 103 2.47 -2.65 19.85
N GLY B 104 3.76 -2.94 19.64
CA GLY B 104 4.18 -3.66 18.45
C GLY B 104 3.58 -5.05 18.34
N GLY B 105 3.22 -5.66 19.46
CA GLY B 105 2.68 -7.01 19.46
C GLY B 105 3.77 -8.06 19.63
N THR B 106 3.41 -9.14 20.32
CA THR B 106 4.31 -10.25 20.61
C THR B 106 3.69 -11.53 20.08
N GLN B 107 4.44 -12.26 19.24
CA GLN B 107 3.96 -13.52 18.69
C GLN B 107 4.38 -14.65 19.61
N LEU B 108 3.44 -15.11 20.44
CA LEU B 108 3.70 -16.24 21.34
C LEU B 108 3.57 -17.53 20.55
N THR B 109 4.65 -18.32 20.55
CA THR B 109 4.72 -19.60 19.87
C THR B 109 4.86 -20.72 20.90
N VAL B 110 4.10 -21.80 20.71
CA VAL B 110 4.09 -22.93 21.62
C VAL B 110 4.82 -24.07 20.92
N LEU B 111 6.01 -24.40 21.42
CA LEU B 111 6.83 -25.45 20.81
C LEU B 111 6.25 -26.84 21.10
N PRO B 114 8.99 -29.64 18.90
CA PRO B 114 9.53 -30.85 18.26
C PRO B 114 9.55 -30.74 16.74
N LYS B 115 10.74 -30.80 16.14
CA LYS B 115 10.86 -30.66 14.69
C LYS B 115 9.93 -31.64 13.97
N ALA B 116 9.60 -31.34 12.71
CA ALA B 116 8.67 -32.17 11.96
C ALA B 116 8.89 -31.93 10.47
N ALA B 117 9.11 -33.01 9.73
CA ALA B 117 9.30 -32.92 8.30
C ALA B 117 7.97 -32.74 7.58
N PRO B 118 7.99 -32.17 6.38
CA PRO B 118 6.74 -31.82 5.69
C PRO B 118 6.13 -33.00 4.95
N SER B 119 4.82 -32.90 4.76
CA SER B 119 4.07 -33.78 3.86
C SER B 119 3.71 -33.01 2.61
N VAL B 120 4.06 -33.55 1.45
CA VAL B 120 3.92 -32.87 0.16
C VAL B 120 2.93 -33.62 -0.72
N THR B 121 2.11 -32.87 -1.45
CA THR B 121 1.13 -33.43 -2.37
C THR B 121 1.16 -32.62 -3.66
N LEU B 122 1.38 -33.28 -4.78
CA LEU B 122 1.52 -32.61 -6.07
C LEU B 122 0.34 -32.99 -6.97
N PHE B 123 -0.44 -31.99 -7.39
CA PHE B 123 -1.55 -32.15 -8.31
C PHE B 123 -1.14 -31.66 -9.68
N PRO B 124 -1.31 -32.46 -10.73
CA PRO B 124 -1.02 -32.00 -12.09
C PRO B 124 -2.15 -31.16 -12.64
N PRO B 125 -1.99 -30.60 -13.84
CA PRO B 125 -3.05 -29.76 -14.40
C PRO B 125 -4.34 -30.55 -14.59
N SER B 126 -5.46 -29.85 -14.45
CA SER B 126 -6.76 -30.46 -14.69
C SER B 126 -7.00 -30.62 -16.18
N SER B 127 -7.82 -31.61 -16.54
CA SER B 127 -8.23 -31.74 -17.93
C SER B 127 -9.05 -30.52 -18.35
N GLU B 128 -9.97 -30.08 -17.48
CA GLU B 128 -10.74 -28.87 -17.78
C GLU B 128 -9.82 -27.67 -17.93
N GLU B 129 -8.80 -27.57 -17.08
CA GLU B 129 -7.89 -26.44 -17.13
C GLU B 129 -7.09 -26.44 -18.43
N LEU B 130 -6.64 -27.61 -18.86
CA LEU B 130 -5.97 -27.70 -20.16
C LEU B 130 -6.91 -27.30 -21.29
N GLN B 131 -8.17 -27.73 -21.20
CA GLN B 131 -9.16 -27.31 -22.19
C GLN B 131 -9.47 -25.83 -22.10
N ALA B 132 -9.15 -25.19 -20.97
CA ALA B 132 -9.28 -23.75 -20.81
C ALA B 132 -8.00 -23.00 -21.16
N ASN B 133 -7.14 -23.60 -21.97
CA ASN B 133 -5.84 -23.03 -22.33
C ASN B 133 -5.12 -22.53 -21.08
N LYS B 134 -5.04 -23.41 -20.09
CA LYS B 134 -4.31 -23.14 -18.86
C LYS B 134 -3.73 -24.44 -18.32
N ALA B 135 -2.61 -24.33 -17.61
CA ALA B 135 -2.04 -25.46 -16.89
C ALA B 135 -1.44 -24.95 -15.60
N THR B 136 -1.72 -25.63 -14.50
CA THR B 136 -1.19 -25.24 -13.20
C THR B 136 -0.88 -26.48 -12.40
N LEU B 137 0.40 -26.68 -12.07
CA LEU B 137 0.80 -27.71 -11.14
C LEU B 137 0.81 -27.13 -9.73
N VAL B 138 0.26 -27.89 -8.78
CA VAL B 138 0.05 -27.42 -7.42
C VAL B 138 0.81 -28.32 -6.46
N CYS B 139 1.76 -27.74 -5.72
CA CYS B 139 2.58 -28.46 -4.74
C CYS B 139 2.20 -27.93 -3.36
N LEU B 140 1.46 -28.75 -2.60
CA LEU B 140 0.96 -28.37 -1.29
C LEU B 140 1.80 -29.02 -0.20
N VAL B 141 2.27 -28.21 0.74
CA VAL B 141 3.10 -28.67 1.85
C VAL B 141 2.34 -28.44 3.14
N SER B 142 2.38 -29.43 4.03
CA SER B 142 1.64 -29.32 5.28
C SER B 142 2.38 -30.04 6.40
N ASP B 143 2.10 -29.60 7.64
CA ASP B 143 2.52 -30.32 8.84
C ASP B 143 4.05 -30.37 8.97
N PHE B 144 4.65 -29.18 8.97
CA PHE B 144 6.09 -29.06 9.15
C PHE B 144 6.39 -27.94 10.13
N TYR B 145 7.28 -28.21 11.10
CA TYR B 145 7.75 -27.21 12.04
C TYR B 145 9.27 -27.28 12.11
N PRO B 146 9.98 -26.14 12.14
CA PRO B 146 9.48 -24.75 12.12
C PRO B 146 8.95 -24.29 10.77
N GLY B 147 8.79 -22.97 10.60
CA GLY B 147 8.19 -22.46 9.38
C GLY B 147 9.13 -22.50 8.17
N ALA B 148 10.42 -22.29 8.39
CA ALA B 148 11.38 -22.26 7.30
C ALA B 148 11.13 -23.40 6.31
N VAL B 149 11.13 -23.07 5.03
CA VAL B 149 10.93 -24.07 3.98
C VAL B 149 11.30 -23.48 2.63
N THR B 150 11.96 -24.28 1.79
CA THR B 150 12.34 -23.87 0.44
C THR B 150 11.60 -24.74 -0.56
N VAL B 151 11.20 -24.15 -1.69
CA VAL B 151 10.49 -24.89 -2.73
C VAL B 151 11.18 -24.61 -4.06
N ALA B 152 11.47 -25.68 -4.79
CA ALA B 152 12.11 -25.58 -6.10
C ALA B 152 11.41 -26.48 -7.10
N TRP B 153 11.36 -26.03 -8.35
CA TRP B 153 10.69 -26.76 -9.41
C TRP B 153 11.69 -27.24 -10.45
N LYS B 154 11.44 -28.43 -11.00
CA LYS B 154 12.31 -28.96 -12.05
C LYS B 154 11.47 -29.70 -13.08
N ALA B 155 11.70 -29.38 -14.35
CA ALA B 155 11.07 -30.06 -15.48
C ALA B 155 12.15 -30.85 -16.21
N ASP B 156 12.01 -32.18 -16.23
CA ASP B 156 13.02 -33.05 -16.82
C ASP B 156 14.40 -32.83 -16.18
N GLY B 157 14.42 -32.51 -14.89
CA GLY B 157 15.66 -32.23 -14.19
C GLY B 157 16.19 -30.82 -14.34
N SER B 158 15.68 -30.04 -15.29
CA SER B 158 16.17 -28.67 -15.43
C SER B 158 15.38 -27.74 -14.52
N PRO B 159 16.04 -26.91 -13.70
CA PRO B 159 15.30 -26.01 -12.81
C PRO B 159 14.41 -25.07 -13.60
N VAL B 160 13.14 -25.04 -13.23
CA VAL B 160 12.20 -24.07 -13.77
C VAL B 160 12.10 -22.91 -12.79
N LYS B 161 12.29 -21.69 -13.28
CA LYS B 161 12.25 -20.51 -12.43
C LYS B 161 11.20 -19.49 -12.84
N VAL B 162 10.66 -19.58 -14.05
CA VAL B 162 9.62 -18.68 -14.53
C VAL B 162 8.29 -19.37 -14.32
N GLY B 163 7.31 -18.61 -13.82
CA GLY B 163 5.98 -19.14 -13.61
C GLY B 163 5.75 -19.71 -12.23
N VAL B 164 6.72 -19.56 -11.31
CA VAL B 164 6.66 -20.13 -9.98
C VAL B 164 6.10 -19.09 -9.03
N GLU B 165 5.07 -19.45 -8.27
CA GLU B 165 4.49 -18.58 -7.26
C GLU B 165 4.32 -19.38 -5.97
N THR B 166 5.05 -19.00 -4.92
CA THR B 166 5.04 -19.72 -3.65
C THR B 166 4.67 -18.78 -2.52
N THR B 167 4.00 -19.33 -1.50
CA THR B 167 3.56 -18.58 -0.35
C THR B 167 4.53 -18.72 0.81
N LYS B 168 4.51 -17.74 1.69
CA LYS B 168 5.33 -17.77 2.89
C LYS B 168 4.68 -18.70 3.92
N PRO B 169 5.47 -19.45 4.69
CA PRO B 169 4.88 -20.42 5.63
C PRO B 169 3.85 -19.78 6.55
N SER B 170 2.62 -20.26 6.50
CA SER B 170 1.56 -19.82 7.40
C SER B 170 1.38 -20.84 8.52
N LYS B 171 0.66 -20.42 9.56
CA LYS B 171 0.41 -21.27 10.71
C LYS B 171 -0.86 -22.08 10.49
N GLN B 172 -0.79 -23.36 10.87
CA GLN B 172 -1.95 -24.23 10.85
C GLN B 172 -2.70 -24.14 12.17
N SER B 173 -3.85 -24.81 12.23
CA SER B 173 -4.60 -24.89 13.47
C SER B 173 -3.96 -25.82 14.49
N ASN B 174 -3.02 -26.66 14.07
CA ASN B 174 -2.31 -27.57 14.96
C ASN B 174 -0.98 -27.01 15.41
N ASN B 175 -0.74 -25.72 15.19
CA ASN B 175 0.42 -24.94 15.61
C ASN B 175 1.62 -25.19 14.68
N LYS B 176 1.51 -26.11 13.71
CA LYS B 176 2.57 -26.38 12.76
C LYS B 176 2.46 -25.38 11.60
N TYR B 177 2.95 -25.73 10.42
CA TYR B 177 2.95 -24.80 9.29
C TYR B 177 2.53 -25.51 8.01
N ALA B 178 2.01 -24.71 7.07
CA ALA B 178 1.62 -25.17 5.75
C ALA B 178 2.02 -24.12 4.74
N ALA B 179 2.05 -24.52 3.46
CA ALA B 179 2.42 -23.63 2.38
C ALA B 179 2.00 -24.25 1.06
N SER B 180 2.10 -23.45 -0.01
CA SER B 180 1.66 -23.89 -1.33
C SER B 180 2.50 -23.22 -2.39
N SER B 181 2.75 -23.96 -3.47
CA SER B 181 3.51 -23.45 -4.61
C SER B 181 2.81 -23.84 -5.90
N TYR B 182 2.87 -22.95 -6.89
CA TYR B 182 2.15 -23.14 -8.15
C TYR B 182 3.09 -22.89 -9.32
N LEU B 183 3.07 -23.81 -10.28
CA LEU B 183 3.81 -23.66 -11.54
C LEU B 183 2.81 -23.48 -12.66
N SER B 184 2.85 -22.33 -13.32
CA SER B 184 1.94 -21.99 -14.40
C SER B 184 2.57 -22.31 -15.74
N LEU B 185 1.83 -23.04 -16.57
CA LEU B 185 2.32 -23.45 -17.88
C LEU B 185 1.17 -23.37 -18.89
N THR B 186 1.56 -23.39 -20.15
CA THR B 186 0.62 -23.59 -21.24
C THR B 186 0.51 -25.07 -21.56
N PRO B 187 -0.64 -25.53 -22.04
CA PRO B 187 -0.79 -26.98 -22.29
C PRO B 187 0.36 -27.58 -23.08
N GLU B 188 0.86 -26.86 -24.07
CA GLU B 188 1.96 -27.40 -24.89
C GLU B 188 3.24 -27.53 -24.07
N GLN B 189 3.52 -26.57 -23.20
CA GLN B 189 4.68 -26.70 -22.32
C GLN B 189 4.54 -27.93 -21.43
N TRP B 190 3.37 -28.11 -20.82
CA TRP B 190 3.15 -29.26 -19.94
C TRP B 190 3.30 -30.57 -20.68
N LYS B 191 2.86 -30.61 -21.94
CA LYS B 191 2.94 -31.85 -22.71
C LYS B 191 4.31 -32.07 -23.34
N SER B 192 5.13 -31.02 -23.43
CA SER B 192 6.42 -31.12 -24.11
C SER B 192 7.52 -31.71 -23.22
N HIS B 193 7.28 -31.83 -21.91
CA HIS B 193 8.21 -32.48 -21.01
C HIS B 193 7.61 -33.80 -20.54
N ARG B 194 8.48 -34.68 -20.03
CA ARG B 194 8.05 -35.99 -19.58
C ARG B 194 7.74 -36.04 -18.10
N SER B 195 8.19 -35.06 -17.32
CA SER B 195 7.91 -35.05 -15.90
C SER B 195 8.19 -33.67 -15.33
N TYR B 196 7.39 -33.27 -14.35
CA TYR B 196 7.64 -32.09 -13.53
C TYR B 196 7.71 -32.54 -12.07
N SER B 197 8.48 -31.80 -11.27
CA SER B 197 8.67 -32.18 -9.89
C SER B 197 8.87 -30.94 -9.02
N CYS B 198 8.34 -31.01 -7.80
CA CYS B 198 8.60 -29.99 -6.78
C CYS B 198 9.37 -30.61 -5.63
N ARG B 199 10.38 -29.87 -5.15
CA ARG B 199 11.23 -30.28 -4.04
C ARG B 199 11.04 -29.29 -2.91
N VAL B 200 10.67 -29.81 -1.74
CA VAL B 200 10.43 -29.03 -0.53
C VAL B 200 11.53 -29.36 0.45
N THR B 201 12.43 -28.40 0.67
CA THR B 201 13.53 -28.55 1.61
C THR B 201 13.16 -27.94 2.96
N HIS B 202 13.53 -28.64 4.03
CA HIS B 202 13.17 -28.24 5.38
C HIS B 202 14.19 -28.87 6.33
N GLU B 203 14.98 -28.03 6.99
CA GLU B 203 15.99 -28.50 7.96
C GLU B 203 16.86 -29.59 7.35
N GLY B 204 17.32 -29.33 6.13
CA GLY B 204 18.22 -30.23 5.43
C GLY B 204 17.56 -31.44 4.80
N SER B 205 16.30 -31.72 5.10
CA SER B 205 15.58 -32.86 4.54
C SER B 205 14.65 -32.38 3.44
N THR B 206 14.76 -32.97 2.26
CA THR B 206 13.97 -32.56 1.10
C THR B 206 13.01 -33.67 0.71
N VAL B 207 11.76 -33.31 0.44
CA VAL B 207 10.75 -34.21 -0.08
C VAL B 207 10.46 -33.79 -1.52
N GLU B 208 10.57 -34.72 -2.45
CA GLU B 208 10.42 -34.44 -3.87
C GLU B 208 9.28 -35.26 -4.45
N LYS B 209 8.34 -34.58 -5.10
CA LYS B 209 7.20 -35.24 -5.72
C LYS B 209 7.20 -34.95 -7.22
N THR B 210 6.77 -35.94 -8.00
CA THR B 210 6.85 -35.90 -9.45
C THR B 210 5.53 -36.33 -10.09
N VAL B 211 5.18 -35.64 -11.18
CA VAL B 211 4.03 -35.97 -12.00
C VAL B 211 4.49 -36.02 -13.45
N ALA B 212 3.74 -36.77 -14.26
CA ALA B 212 4.10 -36.98 -15.67
C ALA B 212 2.85 -36.96 -16.55
N PRO B 213 2.93 -36.32 -17.73
CA PRO B 213 1.76 -36.33 -18.63
C PRO B 213 1.34 -37.72 -19.05
N VAL C 2 24.22 27.63 -1.24
CA VAL C 2 24.22 26.46 -0.37
C VAL C 2 23.33 25.38 -0.97
N GLN C 3 23.64 24.12 -0.67
CA GLN C 3 22.86 22.99 -1.16
C GLN C 3 22.89 21.87 -0.13
N LEU C 4 21.73 21.25 0.08
CA LEU C 4 21.59 20.09 0.96
C LEU C 4 21.36 18.86 0.10
N VAL C 5 22.27 17.88 0.21
CA VAL C 5 22.19 16.64 -0.56
C VAL C 5 21.79 15.52 0.39
N GLN C 6 20.91 14.64 -0.08
CA GLN C 6 20.37 13.57 0.75
C GLN C 6 20.71 12.21 0.16
N SER C 7 20.62 11.18 1.01
CA SER C 7 20.95 9.83 0.60
C SER C 7 19.90 9.30 -0.38
N GLY C 8 20.20 8.13 -0.96
CA GLY C 8 19.35 7.55 -1.97
C GLY C 8 18.11 6.89 -1.38
N ALA C 9 17.15 6.62 -2.26
CA ALA C 9 15.92 5.97 -1.84
C ALA C 9 16.21 4.58 -1.28
N GLU C 10 15.37 4.14 -0.34
CA GLU C 10 15.62 2.91 0.39
C GLU C 10 14.33 2.11 0.53
N VAL C 11 14.49 0.79 0.59
CA VAL C 11 13.41 -0.15 0.82
C VAL C 11 13.66 -0.83 2.16
N LYS C 12 12.66 -0.85 3.03
CA LYS C 12 12.76 -1.48 4.33
C LYS C 12 11.52 -2.29 4.62
N LYS C 13 11.66 -3.31 5.45
CA LYS C 13 10.54 -4.16 5.83
C LYS C 13 9.95 -3.70 7.16
N PRO C 14 8.68 -4.01 7.41
CA PRO C 14 8.07 -3.58 8.68
C PRO C 14 8.87 -4.05 9.87
N GLY C 15 9.20 -3.11 10.76
CA GLY C 15 9.93 -3.38 11.97
C GLY C 15 11.40 -3.01 11.92
N SER C 16 11.97 -2.90 10.72
CA SER C 16 13.38 -2.54 10.59
C SER C 16 13.53 -1.04 10.86
N SER C 17 14.75 -0.53 10.67
CA SER C 17 15.04 0.88 10.89
C SER C 17 15.83 1.43 9.70
N VAL C 18 15.57 2.70 9.39
CA VAL C 18 16.25 3.39 8.30
C VAL C 18 16.90 4.65 8.88
N LYS C 19 17.95 5.12 8.21
CA LYS C 19 18.67 6.31 8.62
C LYS C 19 18.98 7.13 7.38
N VAL C 20 18.37 8.31 7.28
CA VAL C 20 18.55 9.19 6.14
C VAL C 20 19.57 10.26 6.50
N SER C 21 20.44 10.59 5.55
CA SER C 21 21.50 11.56 5.75
C SER C 21 21.17 12.85 5.00
N CYS C 22 21.88 13.90 5.37
CA CYS C 22 21.66 15.24 4.78
C CYS C 22 22.98 16.01 4.93
N LYS C 23 23.79 15.98 3.88
CA LYS C 23 25.10 16.61 3.89
C LYS C 23 25.02 17.99 3.25
N ALA C 24 25.90 18.88 3.70
CA ALA C 24 26.01 20.21 3.14
C ALA C 24 26.99 20.23 1.97
N SER C 25 26.95 21.32 1.21
CA SER C 25 27.85 21.51 0.08
C SER C 25 28.51 22.89 0.17
N GLY C 26 28.71 23.39 1.39
CA GLY C 26 29.29 24.71 1.60
C GLY C 26 28.43 25.55 2.51
N GLY C 27 29.01 26.12 3.56
CA GLY C 27 28.30 26.98 4.49
C GLY C 27 28.61 26.64 5.92
N THR C 28 27.96 27.39 6.81
CA THR C 28 28.14 27.26 8.26
C THR C 28 27.11 26.30 8.84
N PHE C 29 27.25 25.03 8.46
CA PHE C 29 26.30 23.98 8.82
C PHE C 29 25.81 24.00 10.26
N SER C 30 26.70 24.31 11.20
CA SER C 30 26.34 24.15 12.61
C SER C 30 25.49 25.30 13.12
N SER C 31 25.82 26.54 12.76
CA SER C 31 25.08 27.69 13.29
C SER C 31 23.65 27.75 12.79
N TYR C 32 23.32 27.05 11.70
CA TYR C 32 21.96 27.01 11.22
C TYR C 32 21.19 25.87 11.88
N ALA C 33 19.89 25.83 11.62
CA ALA C 33 19.01 24.76 12.07
C ALA C 33 18.69 23.84 10.89
N ILE C 34 18.50 22.56 11.19
CA ILE C 34 18.18 21.54 10.20
C ILE C 34 16.88 20.89 10.65
N SER C 35 15.82 21.07 9.87
CA SER C 35 14.52 20.46 10.14
C SER C 35 14.32 19.25 9.24
N TRP C 36 13.63 18.25 9.78
CA TRP C 36 13.26 17.05 9.06
C TRP C 36 11.74 17.01 8.94
N VAL C 37 11.26 16.88 7.71
CA VAL C 37 9.84 16.92 7.38
C VAL C 37 9.53 15.77 6.42
N ARG C 38 8.52 14.98 6.74
CA ARG C 38 8.10 13.90 5.85
C ARG C 38 6.85 14.31 5.08
N GLN C 39 6.65 13.65 3.94
CA GLN C 39 5.47 13.86 3.11
C GLN C 39 5.07 12.53 2.50
N ALA C 40 3.88 12.05 2.85
CA ALA C 40 3.37 10.81 2.29
C ALA C 40 2.70 11.07 0.95
N PRO C 41 2.56 10.03 0.12
CA PRO C 41 1.85 10.20 -1.16
C PRO C 41 0.44 10.72 -0.95
N GLY C 42 0.15 11.88 -1.56
CA GLY C 42 -1.15 12.48 -1.48
C GLY C 42 -1.41 13.31 -0.25
N GLN C 43 -0.55 13.25 0.76
CA GLN C 43 -0.71 14.03 1.97
C GLN C 43 0.13 15.32 1.86
N GLY C 44 0.01 16.17 2.87
CA GLY C 44 0.79 17.38 2.96
C GLY C 44 2.05 17.18 3.78
N LEU C 45 2.74 18.29 4.03
CA LEU C 45 3.96 18.24 4.82
C LEU C 45 3.63 18.01 6.29
N GLU C 46 4.53 17.29 6.97
CA GLU C 46 4.40 17.00 8.39
C GLU C 46 5.75 17.30 9.04
N TRP C 47 5.80 18.37 9.83
CA TRP C 47 7.03 18.74 10.51
C TRP C 47 7.41 17.65 11.51
N MET C 48 8.44 16.88 11.20
CA MET C 48 8.87 15.82 12.10
C MET C 48 9.69 16.38 13.25
N GLY C 49 10.68 17.19 12.95
CA GLY C 49 11.50 17.75 14.01
C GLY C 49 12.60 18.64 13.49
N GLY C 50 13.56 18.93 14.35
CA GLY C 50 14.68 19.77 13.98
C GLY C 50 15.82 19.64 14.96
N ILE C 51 16.94 20.28 14.60
CA ILE C 51 18.14 20.25 15.43
C ILE C 51 19.05 21.38 15.02
N ILE C 52 19.67 22.02 16.00
CA ILE C 52 20.77 22.97 15.76
C ILE C 52 22.07 22.25 16.11
N PRO C 53 22.95 21.97 15.14
CA PRO C 53 24.13 21.14 15.45
C PRO C 53 25.08 21.76 16.47
N ILE C 54 25.46 23.03 16.28
CA ILE C 54 26.45 23.65 17.16
C ILE C 54 26.09 23.44 18.63
N PHE C 55 24.79 23.54 18.96
CA PHE C 55 24.37 23.30 20.34
C PHE C 55 24.17 21.81 20.61
N GLY C 56 23.80 21.04 19.58
CA GLY C 56 23.71 19.59 19.65
C GLY C 56 22.40 19.02 20.14
N THR C 57 21.38 19.84 20.41
CA THR C 57 20.12 19.36 20.96
C THR C 57 19.03 19.42 19.90
N ALA C 58 18.24 18.35 19.81
CA ALA C 58 17.18 18.22 18.83
C ALA C 58 15.81 18.33 19.50
N ASN C 59 14.81 18.68 18.71
CA ASN C 59 13.43 18.77 19.14
C ASN C 59 12.56 17.95 18.19
N TYR C 60 11.53 17.30 18.76
CA TYR C 60 10.69 16.37 18.02
C TYR C 60 9.23 16.68 18.28
N ALA C 61 8.44 16.77 17.20
CA ALA C 61 6.99 16.88 17.35
C ALA C 61 6.46 15.68 18.12
N GLN C 62 5.32 15.89 18.80
CA GLN C 62 4.74 14.85 19.63
C GLN C 62 4.45 13.58 18.83
N LYS C 63 4.14 13.73 17.54
CA LYS C 63 3.73 12.57 16.75
C LYS C 63 4.84 11.54 16.66
N PHE C 64 6.03 11.97 16.26
CA PHE C 64 7.15 11.07 16.02
C PHE C 64 8.06 10.90 17.23
N GLN C 65 7.74 11.52 18.36
CA GLN C 65 8.54 11.33 19.56
C GLN C 65 8.63 9.85 19.90
N GLY C 66 9.79 9.44 20.40
CA GLY C 66 10.01 8.04 20.75
C GLY C 66 10.40 7.14 19.60
N ARG C 67 10.23 7.59 18.35
CA ARG C 67 10.57 6.79 17.18
C ARG C 67 11.66 7.41 16.32
N VAL C 68 11.83 8.73 16.35
CA VAL C 68 12.76 9.44 15.48
C VAL C 68 13.95 9.91 16.30
N THR C 69 15.14 9.79 15.72
CA THR C 69 16.37 10.29 16.32
C THR C 69 17.05 11.21 15.33
N ILE C 70 17.18 12.49 15.69
CA ILE C 70 17.82 13.49 14.84
C ILE C 70 19.17 13.81 15.46
N THR C 71 20.23 13.60 14.67
CA THR C 71 21.60 13.86 15.09
C THR C 71 22.29 14.71 14.04
N ALA C 72 23.47 15.23 14.39
CA ALA C 72 24.21 16.10 13.48
C ALA C 72 25.70 15.94 13.73
N ASP C 73 26.47 15.99 12.65
CA ASP C 73 27.93 15.96 12.69
C ASP C 73 28.44 17.26 12.09
N GLU C 74 29.11 18.07 12.91
CA GLU C 74 29.64 19.34 12.45
C GLU C 74 30.90 19.19 11.60
N SER C 75 31.68 18.13 11.84
CA SER C 75 32.87 17.90 11.02
C SER C 75 32.48 17.66 9.57
N THR C 76 31.76 16.57 9.30
CA THR C 76 31.27 16.30 7.96
C THR C 76 30.11 17.21 7.57
N SER C 77 29.58 17.98 8.52
CA SER C 77 28.44 18.87 8.26
C SER C 77 27.27 18.08 7.68
N THR C 78 26.92 16.98 8.34
CA THR C 78 25.89 16.07 7.87
C THR C 78 24.92 15.77 9.01
N ALA C 79 23.64 16.03 8.77
CA ALA C 79 22.59 15.64 9.71
C ALA C 79 22.07 14.25 9.37
N TYR C 80 21.47 13.60 10.36
CA TYR C 80 20.93 12.26 10.21
C TYR C 80 19.60 12.16 10.93
N MET C 81 18.64 11.51 10.28
CA MET C 81 17.33 11.22 10.87
C MET C 81 17.11 9.71 10.80
N GLU C 82 17.02 9.07 11.96
CA GLU C 82 16.85 7.64 12.07
C GLU C 82 15.43 7.34 12.54
N LEU C 83 14.70 6.55 11.74
CA LEU C 83 13.35 6.12 12.07
C LEU C 83 13.36 4.60 12.23
N SER C 84 12.95 4.13 13.40
CA SER C 84 12.96 2.71 13.73
C SER C 84 11.55 2.17 13.84
N SER C 85 11.44 0.85 13.83
CA SER C 85 10.16 0.16 13.92
C SER C 85 9.21 0.66 12.82
N LEU C 86 9.68 0.55 11.59
CA LEU C 86 8.97 1.10 10.44
C LEU C 86 7.60 0.45 10.28
N ARG C 87 6.74 1.16 9.55
CA ARG C 87 5.38 0.73 9.30
C ARG C 87 5.04 1.07 7.84
N SER C 88 3.99 0.44 7.33
CA SER C 88 3.59 0.71 5.95
C SER C 88 3.23 2.17 5.75
N GLU C 89 2.81 2.85 6.82
CA GLU C 89 2.41 4.25 6.71
C GLU C 89 3.59 5.20 6.67
N ASP C 90 4.77 4.77 7.12
CA ASP C 90 5.95 5.61 7.05
C ASP C 90 6.45 5.78 5.61
N THR C 91 6.00 4.92 4.70
CA THR C 91 6.34 5.06 3.29
C THR C 91 6.12 6.50 2.85
N ALA C 92 7.19 7.23 2.55
CA ALA C 92 7.05 8.65 2.27
C ALA C 92 8.40 9.21 1.82
N VAL C 93 8.36 10.47 1.37
CA VAL C 93 9.56 11.21 1.00
C VAL C 93 9.93 12.11 2.16
N TYR C 94 11.17 11.99 2.63
CA TYR C 94 11.67 12.76 3.77
C TYR C 94 12.64 13.81 3.27
N TYR C 95 12.35 15.07 3.59
CA TYR C 95 13.19 16.20 3.25
C TYR C 95 13.88 16.74 4.48
N CYS C 96 15.09 17.27 4.28
CA CYS C 96 15.79 18.08 5.26
C CYS C 96 15.86 19.52 4.75
N ALA C 97 15.68 20.48 5.66
CA ALA C 97 15.58 21.88 5.30
C ALA C 97 16.38 22.72 6.28
N ARG C 98 17.33 23.50 5.76
CA ARG C 98 18.09 24.44 6.56
C ARG C 98 17.26 25.67 6.89
N SER C 99 17.59 26.31 8.01
CA SER C 99 16.82 27.43 8.52
C SER C 99 17.65 28.19 9.55
N GLN C 100 17.07 29.26 10.07
CA GLN C 100 17.74 30.10 11.06
C GLN C 100 16.78 30.51 12.17
N TYR C 106 13.75 34.76 12.20
CA TYR C 106 12.56 34.23 11.56
C TYR C 106 12.75 32.75 11.24
N TYR C 107 11.81 31.93 11.72
CA TYR C 107 11.90 30.47 11.57
C TYR C 107 11.32 30.07 10.22
N GLY C 108 12.04 30.47 9.17
CA GLY C 108 11.68 30.15 7.80
C GLY C 108 12.74 29.32 7.12
N MET C 109 12.35 28.19 6.54
CA MET C 109 13.28 27.26 5.92
C MET C 109 13.44 27.65 4.44
N ASP C 110 14.67 28.01 4.07
CA ASP C 110 14.95 28.53 2.74
C ASP C 110 15.75 27.60 1.83
N VAL C 111 16.40 26.59 2.38
CA VAL C 111 17.21 25.66 1.59
C VAL C 111 16.71 24.26 1.90
N TRP C 112 15.96 23.67 0.97
CA TRP C 112 15.45 22.31 1.10
C TRP C 112 16.30 21.34 0.30
N GLY C 113 16.19 20.06 0.65
CA GLY C 113 16.87 19.00 -0.06
C GLY C 113 16.01 18.43 -1.18
N GLN C 114 16.59 17.43 -1.87
CA GLN C 114 15.88 16.79 -2.97
C GLN C 114 14.83 15.81 -2.48
N GLY C 115 14.92 15.34 -1.24
CA GLY C 115 13.99 14.38 -0.71
C GLY C 115 14.48 12.96 -0.90
N THR C 116 14.27 12.11 0.10
CA THR C 116 14.66 10.70 0.06
C THR C 116 13.40 9.86 0.17
N MET C 117 13.18 8.99 -0.82
CA MET C 117 12.01 8.12 -0.84
C MET C 117 12.29 6.87 -0.02
N VAL C 118 11.52 6.66 1.04
CA VAL C 118 11.64 5.48 1.90
C VAL C 118 10.36 4.68 1.75
N THR C 119 10.48 3.44 1.27
CA THR C 119 9.35 2.57 1.03
C THR C 119 9.39 1.42 2.03
N VAL C 120 8.36 1.31 2.86
CA VAL C 120 8.26 0.28 3.88
C VAL C 120 7.30 -0.78 3.34
N SER C 121 7.85 -1.91 2.90
CA SER C 121 7.04 -3.02 2.41
C SER C 121 7.84 -4.30 2.53
N SER C 122 7.15 -5.40 2.85
CA SER C 122 7.77 -6.71 2.94
C SER C 122 8.07 -7.32 1.57
N ALA C 123 7.84 -6.58 0.49
CA ALA C 123 8.14 -7.07 -0.85
C ALA C 123 9.65 -7.08 -1.07
N SER C 124 10.05 -7.46 -2.28
CA SER C 124 11.46 -7.58 -2.63
C SER C 124 11.77 -6.67 -3.80
N THR C 125 12.94 -6.04 -3.74
CA THR C 125 13.35 -5.15 -4.81
C THR C 125 13.52 -5.93 -6.11
N LYS C 126 13.11 -5.30 -7.22
CA LYS C 126 13.21 -5.93 -8.53
C LYS C 126 13.42 -4.85 -9.58
N GLY C 127 14.25 -5.15 -10.56
CA GLY C 127 14.49 -4.24 -11.65
C GLY C 127 13.41 -4.31 -12.70
N PRO C 128 13.38 -3.31 -13.57
CA PRO C 128 12.32 -3.23 -14.59
C PRO C 128 12.66 -4.01 -15.84
N SER C 129 11.61 -4.34 -16.59
CA SER C 129 11.73 -4.83 -17.95
C SER C 129 11.33 -3.69 -18.89
N VAL C 130 12.29 -3.24 -19.71
CA VAL C 130 12.10 -2.08 -20.56
C VAL C 130 11.82 -2.58 -21.98
N PHE C 131 10.58 -2.43 -22.42
CA PHE C 131 10.18 -2.84 -23.76
C PHE C 131 10.02 -1.61 -24.64
N PRO C 132 10.29 -1.72 -25.94
CA PRO C 132 10.16 -0.56 -26.83
C PRO C 132 8.77 -0.45 -27.45
N LEU C 133 8.20 0.76 -27.43
CA LEU C 133 6.93 1.05 -28.09
C LEU C 133 7.28 1.75 -29.40
N ALA C 134 7.23 1.00 -30.51
CA ALA C 134 7.69 1.51 -31.79
C ALA C 134 6.60 2.30 -32.49
N PRO C 135 6.98 3.31 -33.28
CA PRO C 135 5.99 4.12 -34.02
C PRO C 135 5.54 3.36 -35.26
N SER C 136 4.24 3.13 -35.37
CA SER C 136 3.69 2.47 -36.54
C SER C 136 3.62 3.46 -37.71
N SER C 137 3.70 2.91 -38.93
CA SER C 137 3.67 3.77 -40.12
C SER C 137 2.35 4.53 -40.21
N LYS C 138 1.25 3.93 -39.76
CA LYS C 138 -0.03 4.62 -39.78
C LYS C 138 0.00 5.88 -38.91
N SER C 139 0.86 5.90 -37.89
CA SER C 139 0.98 7.08 -37.05
C SER C 139 1.90 8.13 -37.67
N THR C 140 2.84 7.71 -38.51
CA THR C 140 3.75 8.63 -39.19
C THR C 140 3.14 9.23 -40.47
N SER C 141 1.81 9.42 -40.49
CA SER C 141 1.15 9.93 -41.69
C SER C 141 1.31 11.44 -41.80
N GLY C 142 1.12 12.16 -40.71
CA GLY C 142 1.37 13.58 -40.68
C GLY C 142 2.85 13.86 -40.62
N GLY C 143 3.24 14.87 -39.85
CA GLY C 143 4.65 15.15 -39.60
C GLY C 143 5.13 14.78 -38.22
N THR C 144 4.31 14.12 -37.41
CA THR C 144 4.66 13.81 -36.03
C THR C 144 4.40 12.32 -35.76
N ALA C 145 5.45 11.60 -35.40
CA ALA C 145 5.35 10.25 -34.88
C ALA C 145 5.57 10.27 -33.37
N ALA C 146 5.11 9.22 -32.69
CA ALA C 146 5.27 9.10 -31.24
C ALA C 146 5.82 7.73 -30.94
N LEU C 147 6.97 7.69 -30.28
CA LEU C 147 7.60 6.44 -29.86
C LEU C 147 7.76 6.45 -28.34
N GLY C 148 8.13 5.32 -27.76
CA GLY C 148 8.24 5.32 -26.31
C GLY C 148 8.87 4.06 -25.75
N CYS C 149 8.82 3.99 -24.43
CA CYS C 149 9.35 2.87 -23.66
C CYS C 149 8.37 2.51 -22.55
N LEU C 150 8.15 1.21 -22.38
CA LEU C 150 7.31 0.65 -21.32
C LEU C 150 8.23 0.04 -20.28
N VAL C 151 8.25 0.62 -19.09
CA VAL C 151 9.08 0.15 -17.99
C VAL C 151 8.15 -0.65 -17.08
N LYS C 152 8.16 -1.97 -17.22
CA LYS C 152 7.19 -2.83 -16.57
C LYS C 152 7.81 -3.58 -15.39
N ASP C 153 6.97 -3.94 -14.42
CA ASP C 153 7.31 -4.90 -13.38
C ASP C 153 8.60 -4.50 -12.67
N TYR C 154 8.50 -3.43 -11.90
CA TYR C 154 9.61 -2.98 -11.06
C TYR C 154 9.07 -2.61 -9.69
N PHE C 155 9.96 -2.61 -8.71
CA PHE C 155 9.58 -2.22 -7.36
C PHE C 155 10.82 -1.90 -6.55
N PRO C 156 10.80 -0.87 -5.69
CA PRO C 156 9.73 0.11 -5.48
C PRO C 156 9.91 1.33 -6.35
N GLU C 157 9.11 2.37 -6.16
CA GLU C 157 9.40 3.64 -6.79
C GLU C 157 10.75 4.15 -6.29
N PRO C 158 11.40 5.03 -7.06
CA PRO C 158 11.06 5.51 -8.40
C PRO C 158 12.01 4.99 -9.46
N VAL C 159 11.66 5.14 -10.73
CA VAL C 159 12.59 4.97 -11.84
C VAL C 159 12.70 6.33 -12.53
N THR C 160 13.82 6.57 -13.17
CA THR C 160 14.04 7.81 -13.90
C THR C 160 14.30 7.49 -15.36
N VAL C 161 13.66 8.26 -16.25
CA VAL C 161 13.72 8.00 -17.68
C VAL C 161 14.24 9.25 -18.38
N SER C 162 15.24 9.06 -19.24
CA SER C 162 15.74 10.11 -20.11
C SER C 162 15.75 9.59 -21.54
N TRP C 163 16.04 10.48 -22.49
CA TRP C 163 16.10 10.11 -23.90
C TRP C 163 17.38 10.66 -24.50
N ASN C 164 18.11 9.80 -25.22
CA ASN C 164 19.43 10.13 -25.75
C ASN C 164 20.31 10.69 -24.64
N SER C 165 20.18 10.11 -23.44
CA SER C 165 21.00 10.44 -22.27
C SER C 165 20.78 11.88 -21.80
N GLY C 166 19.69 12.51 -22.22
CA GLY C 166 19.38 13.87 -21.84
C GLY C 166 19.44 14.86 -22.99
N ALA C 167 19.93 14.44 -24.16
CA ALA C 167 20.01 15.34 -25.31
C ALA C 167 18.64 15.66 -25.88
N LEU C 168 17.66 14.79 -25.67
CA LEU C 168 16.30 14.98 -26.20
C LEU C 168 15.39 15.28 -25.01
N THR C 169 14.85 16.51 -24.98
CA THR C 169 13.86 16.90 -23.99
C THR C 169 12.57 17.43 -24.60
N SER C 170 12.62 17.89 -25.85
CA SER C 170 11.44 18.45 -26.50
C SER C 170 10.44 17.35 -26.81
N GLY C 171 9.21 17.51 -26.32
CA GLY C 171 8.15 16.59 -26.63
C GLY C 171 8.15 15.31 -25.83
N VAL C 172 8.93 15.25 -24.75
CA VAL C 172 8.99 14.06 -23.91
C VAL C 172 7.89 14.15 -22.86
N HIS C 173 7.23 13.04 -22.60
CA HIS C 173 6.19 12.96 -21.58
C HIS C 173 6.32 11.60 -20.91
N THR C 174 6.75 11.62 -19.65
CA THR C 174 6.84 10.42 -18.84
C THR C 174 5.65 10.41 -17.90
N PHE C 175 4.74 9.47 -18.10
CA PHE C 175 3.51 9.44 -17.32
C PHE C 175 3.78 8.88 -15.93
N PRO C 176 2.88 9.14 -14.98
CA PRO C 176 3.06 8.55 -13.65
C PRO C 176 2.90 7.04 -13.69
N ALA C 177 3.52 6.38 -12.72
CA ALA C 177 3.47 4.93 -12.67
C ALA C 177 2.08 4.46 -12.24
N VAL C 178 1.86 3.16 -12.38
CA VAL C 178 0.63 2.51 -11.95
C VAL C 178 1.02 1.29 -11.13
N LEU C 179 0.43 1.16 -9.95
CA LEU C 179 0.69 0.00 -9.11
C LEU C 179 -0.21 -1.13 -9.57
N GLN C 180 0.35 -2.02 -10.38
CA GLN C 180 -0.41 -3.17 -10.85
C GLN C 180 -0.87 -4.02 -9.68
N SER C 181 -1.86 -4.89 -9.95
CA SER C 181 -2.38 -5.77 -8.91
C SER C 181 -1.32 -6.74 -8.39
N SER C 182 -0.22 -6.92 -9.12
CA SER C 182 0.86 -7.79 -8.68
C SER C 182 1.76 -7.14 -7.65
N GLY C 183 1.46 -5.93 -7.20
CA GLY C 183 2.32 -5.22 -6.29
C GLY C 183 3.50 -4.55 -6.94
N LEU C 184 3.68 -4.74 -8.25
CA LEU C 184 4.77 -4.13 -9.00
C LEU C 184 4.26 -2.96 -9.82
N TYR C 185 5.10 -1.94 -9.96
CA TYR C 185 4.76 -0.75 -10.74
C TYR C 185 5.04 -0.95 -12.23
N SER C 186 4.40 -0.11 -13.03
CA SER C 186 4.63 -0.09 -14.47
C SER C 186 4.42 1.33 -14.96
N LEU C 187 5.34 1.81 -15.79
CA LEU C 187 5.36 3.19 -16.24
C LEU C 187 5.56 3.22 -17.75
N SER C 188 5.20 4.34 -18.37
CA SER C 188 5.41 4.53 -19.79
C SER C 188 5.95 5.93 -20.04
N SER C 189 6.87 6.05 -21.00
CA SER C 189 7.42 7.34 -21.39
C SER C 189 7.42 7.44 -22.91
N VAL C 190 6.78 8.49 -23.44
CA VAL C 190 6.72 8.69 -24.88
C VAL C 190 7.44 9.98 -25.25
N VAL C 191 7.82 10.07 -26.51
CA VAL C 191 8.39 11.26 -27.10
C VAL C 191 7.90 11.37 -28.53
N THR C 192 7.51 12.57 -28.93
CA THR C 192 7.05 12.85 -30.28
C THR C 192 8.23 13.40 -31.08
N VAL C 193 8.39 12.89 -32.29
CA VAL C 193 9.53 13.23 -33.14
C VAL C 193 9.06 13.41 -34.57
N PRO C 194 9.89 14.02 -35.42
CA PRO C 194 9.54 14.09 -36.84
C PRO C 194 9.47 12.70 -37.45
N SER C 195 8.49 12.50 -38.33
CA SER C 195 8.37 11.23 -39.01
C SER C 195 9.55 11.00 -39.97
N SER C 196 10.00 12.06 -40.63
CA SER C 196 11.08 11.93 -41.60
C SER C 196 12.40 11.54 -40.95
N SER C 197 12.60 11.87 -39.67
CA SER C 197 13.85 11.60 -38.99
C SER C 197 13.96 10.18 -38.45
N LEU C 198 12.92 9.36 -38.59
CA LEU C 198 12.96 8.02 -38.02
C LEU C 198 14.01 7.15 -38.69
N GLY C 199 14.35 7.44 -39.95
CA GLY C 199 15.36 6.66 -40.63
C GLY C 199 16.78 7.02 -40.24
N THR C 200 17.03 8.29 -39.95
CA THR C 200 18.39 8.76 -39.70
C THR C 200 18.75 8.72 -38.21
N GLN C 201 17.96 9.38 -37.36
CA GLN C 201 18.33 9.55 -35.97
C GLN C 201 18.05 8.29 -35.17
N THR C 202 18.80 8.14 -34.07
CA THR C 202 18.64 7.04 -33.13
C THR C 202 18.02 7.58 -31.85
N TYR C 203 16.96 6.95 -31.39
CA TYR C 203 16.27 7.31 -30.16
C TYR C 203 16.44 6.17 -29.16
N ILE C 204 16.94 6.50 -27.97
CA ILE C 204 17.21 5.53 -26.92
C ILE C 204 16.67 6.08 -25.62
N CYS C 205 15.91 5.25 -24.91
CA CYS C 205 15.40 5.61 -23.59
C CYS C 205 16.31 5.00 -22.53
N ASN C 206 16.73 5.82 -21.58
CA ASN C 206 17.64 5.43 -20.51
C ASN C 206 16.84 5.39 -19.22
N VAL C 207 16.59 4.18 -18.72
CA VAL C 207 15.87 3.96 -17.47
C VAL C 207 16.87 3.65 -16.38
N ASN C 208 16.65 4.21 -15.20
CA ASN C 208 17.54 4.02 -14.06
C ASN C 208 16.69 3.74 -12.84
N HIS C 209 16.87 2.57 -12.26
CA HIS C 209 16.17 2.10 -11.07
C HIS C 209 17.25 1.83 -10.01
N LYS C 210 17.49 2.83 -9.16
CA LYS C 210 18.57 2.79 -8.18
C LYS C 210 18.29 1.78 -7.07
N PRO C 211 17.04 1.58 -6.65
CA PRO C 211 16.78 0.54 -5.64
C PRO C 211 17.37 -0.81 -5.98
N SER C 212 17.31 -1.22 -7.24
CA SER C 212 17.93 -2.47 -7.69
C SER C 212 19.26 -2.23 -8.41
N ASN C 213 19.74 -0.99 -8.43
CA ASN C 213 21.01 -0.65 -9.07
C ASN C 213 21.02 -1.13 -10.51
N THR C 214 19.93 -0.87 -11.22
CA THR C 214 19.76 -1.27 -12.60
C THR C 214 19.69 -0.04 -13.50
N LYS C 215 20.28 -0.15 -14.68
CA LYS C 215 20.20 0.91 -15.69
C LYS C 215 20.15 0.25 -17.06
N VAL C 216 19.19 0.67 -17.88
CA VAL C 216 18.93 0.05 -19.17
C VAL C 216 18.73 1.12 -20.22
N ASP C 217 19.49 1.03 -21.31
CA ASP C 217 19.35 1.93 -22.45
C ASP C 217 18.76 1.12 -23.60
N LYS C 218 17.49 1.35 -23.90
CA LYS C 218 16.76 0.59 -24.92
C LYS C 218 16.52 1.47 -26.13
N LYS C 219 16.95 0.99 -27.30
CA LYS C 219 16.79 1.72 -28.55
C LYS C 219 15.44 1.36 -29.18
N VAL C 220 14.68 2.39 -29.54
CA VAL C 220 13.36 2.23 -30.14
C VAL C 220 13.52 2.34 -31.66
N GLU C 221 13.33 1.23 -32.36
CA GLU C 221 13.44 1.20 -33.81
C GLU C 221 12.08 0.95 -34.44
N PRO C 222 11.78 1.57 -35.59
CA PRO C 222 10.47 1.34 -36.20
C PRO C 222 10.18 -0.13 -36.49
N LYS C 223 11.08 -0.81 -37.19
CA LYS C 223 10.88 -2.22 -37.56
C LYS C 223 9.49 -2.43 -38.14
N SER D 2 -5.72 18.88 12.49
CA SER D 2 -4.57 19.76 12.33
C SER D 2 -4.72 20.98 13.24
N VAL D 3 -3.69 21.82 13.28
CA VAL D 3 -3.73 23.06 14.05
C VAL D 3 -4.20 24.23 13.18
N LEU D 4 -3.64 24.36 11.99
CA LEU D 4 -4.01 25.41 11.06
C LEU D 4 -4.94 24.86 9.99
N THR D 5 -6.02 25.59 9.72
CA THR D 5 -7.03 25.18 8.75
C THR D 5 -6.84 25.96 7.46
N GLN D 6 -6.87 25.25 6.33
CA GLN D 6 -6.76 25.87 5.03
C GLN D 6 -7.84 25.34 4.10
N PRO D 7 -8.33 26.18 3.18
CA PRO D 7 -9.31 25.69 2.21
C PRO D 7 -8.73 24.58 1.35
N PRO D 8 -9.47 23.50 1.12
CA PRO D 8 -8.90 22.39 0.35
C PRO D 8 -8.48 22.78 -1.05
N SER D 9 -9.13 23.77 -1.65
CA SER D 9 -8.80 24.18 -3.00
C SER D 9 -9.34 25.57 -3.27
N VAL D 10 -8.60 26.33 -4.08
CA VAL D 10 -9.03 27.63 -4.58
C VAL D 10 -8.62 27.71 -6.05
N SER D 11 -9.42 28.41 -6.84
CA SER D 11 -9.17 28.49 -8.27
C SER D 11 -9.45 29.89 -8.78
N GLY D 12 -8.78 30.25 -9.88
CA GLY D 12 -8.96 31.51 -10.53
C GLY D 12 -8.32 31.53 -11.91
N ALA D 13 -8.84 32.35 -12.81
CA ALA D 13 -8.32 32.40 -14.17
C ALA D 13 -7.08 33.27 -14.24
N PRO D 14 -6.29 33.13 -15.31
CA PRO D 14 -5.07 33.94 -15.44
C PRO D 14 -5.40 35.43 -15.35
N GLY D 15 -4.60 36.15 -14.57
CA GLY D 15 -4.78 37.58 -14.37
C GLY D 15 -5.68 37.95 -13.21
N GLN D 16 -6.27 36.97 -12.54
CA GLN D 16 -7.14 37.23 -11.40
C GLN D 16 -6.33 37.24 -10.10
N ARG D 17 -6.93 37.78 -9.06
CA ARG D 17 -6.34 37.79 -7.73
C ARG D 17 -6.98 36.68 -6.89
N VAL D 18 -6.14 35.86 -6.27
CA VAL D 18 -6.59 34.74 -5.45
C VAL D 18 -6.17 34.99 -4.01
N THR D 19 -6.97 34.50 -3.07
CA THR D 19 -6.73 34.67 -1.65
C THR D 19 -6.85 33.32 -0.95
N ILE D 20 -5.78 32.89 -0.31
CA ILE D 20 -5.75 31.65 0.46
C ILE D 20 -5.74 32.01 1.94
N SER D 21 -6.62 31.38 2.71
CA SER D 21 -6.78 31.69 4.12
C SER D 21 -6.14 30.62 5.00
N CYS D 22 -5.81 31.02 6.22
CA CYS D 22 -5.19 30.11 7.19
C CYS D 22 -5.63 30.57 8.57
N THR D 23 -6.48 29.78 9.22
CA THR D 23 -7.11 30.16 10.48
C THR D 23 -6.69 29.20 11.59
N GLY D 24 -6.52 29.74 12.79
CA GLY D 24 -6.17 28.95 13.95
C GLY D 24 -6.76 29.58 15.20
N GLY D 25 -6.09 29.34 16.33
CA GLY D 25 -6.51 29.88 17.60
C GLY D 25 -5.54 30.92 18.14
N ASN D 26 -5.74 31.25 19.42
CA ASN D 26 -4.90 32.24 20.08
C ASN D 26 -3.52 31.69 20.47
N SER D 27 -3.31 30.38 20.37
CA SER D 27 -2.02 29.80 20.70
C SER D 27 -1.05 29.79 19.52
N ASN D 28 -1.55 29.94 18.29
CA ASN D 28 -0.69 29.94 17.11
C ASN D 28 -0.76 31.28 16.39
N ILE D 29 -1.68 31.43 15.43
CA ILE D 29 -1.74 32.65 14.65
C ILE D 29 -2.01 33.85 15.56
N GLY D 30 -2.98 33.72 16.45
CA GLY D 30 -3.18 34.73 17.47
C GLY D 30 -2.02 34.76 18.45
N ALA D 31 -1.96 35.87 19.20
CA ALA D 31 -0.96 36.18 20.21
C ALA D 31 0.34 36.68 19.59
N GLY D 32 0.43 36.80 18.26
CA GLY D 32 1.54 37.45 17.60
C GLY D 32 2.36 36.54 16.70
N TYR D 33 2.48 35.26 17.05
CA TYR D 33 3.35 34.38 16.29
C TYR D 33 3.03 34.44 14.80
N HIS D 34 4.07 34.65 14.00
CA HIS D 34 3.90 34.95 12.60
C HIS D 34 3.45 33.71 11.82
N VAL D 35 3.03 33.95 10.58
CA VAL D 35 2.50 32.92 9.69
C VAL D 35 3.34 32.90 8.42
N HIS D 36 4.03 31.79 8.19
CA HIS D 36 4.82 31.61 6.99
C HIS D 36 4.00 30.90 5.92
N TRP D 37 4.35 31.13 4.66
CA TRP D 37 3.67 30.53 3.52
C TRP D 37 4.70 29.90 2.60
N TYR D 38 4.51 28.62 2.28
CA TYR D 38 5.40 27.87 1.42
C TYR D 38 4.65 27.39 0.19
N GLN D 39 5.35 27.38 -0.95
CA GLN D 39 4.81 26.92 -2.23
C GLN D 39 5.51 25.63 -2.61
N GLN D 40 4.72 24.61 -2.96
CA GLN D 40 5.22 23.32 -3.41
C GLN D 40 4.62 23.03 -4.77
N LEU D 41 5.48 23.00 -5.79
CA LEU D 41 5.04 22.72 -7.14
C LEU D 41 4.92 21.20 -7.34
N PRO D 42 4.12 20.77 -8.32
CA PRO D 42 3.95 19.32 -8.53
C PRO D 42 5.27 18.58 -8.63
N GLY D 43 5.54 17.72 -7.65
CA GLY D 43 6.76 16.94 -7.66
C GLY D 43 8.01 17.76 -7.44
N ALA D 44 8.05 18.49 -6.32
CA ALA D 44 9.21 19.31 -5.99
C ALA D 44 9.24 19.54 -4.49
N ALA D 45 10.36 20.04 -4.01
CA ALA D 45 10.49 20.35 -2.59
C ALA D 45 9.90 21.73 -2.31
N PRO D 46 9.31 21.92 -1.12
CA PRO D 46 8.74 23.23 -0.80
C PRO D 46 9.74 24.36 -0.96
N LYS D 47 9.20 25.57 -1.14
CA LYS D 47 9.98 26.79 -1.20
C LYS D 47 9.33 27.83 -0.30
N LEU D 48 10.13 28.73 0.24
CA LEU D 48 9.62 29.76 1.15
C LEU D 48 9.07 30.92 0.33
N LEU D 49 7.76 31.09 0.36
CA LEU D 49 7.12 32.25 -0.29
C LEU D 49 7.12 33.45 0.64
N ILE D 50 6.34 33.38 1.72
CA ILE D 50 6.16 34.50 2.63
C ILE D 50 6.72 34.13 4.00
N TYR D 51 7.30 35.11 4.68
CA TYR D 51 7.73 34.98 6.06
C TYR D 51 7.45 36.29 6.78
N GLY D 52 7.15 36.18 8.08
CA GLY D 52 6.77 37.34 8.85
C GLY D 52 5.44 37.95 8.42
N ASP D 53 4.57 37.15 7.82
CA ASP D 53 3.21 37.54 7.46
C ASP D 53 3.15 38.44 6.22
N THR D 54 4.21 39.20 5.94
CA THR D 54 4.17 40.14 4.83
C THR D 54 5.51 40.41 4.18
N ASN D 55 6.60 39.79 4.63
CA ASN D 55 7.91 40.02 4.04
C ASN D 55 8.27 38.86 3.12
N ARG D 56 9.03 39.16 2.07
CA ARG D 56 9.34 38.16 1.06
C ARG D 56 10.85 37.99 0.87
N PRO D 57 11.30 36.77 0.59
CA PRO D 57 12.70 36.58 0.20
C PRO D 57 12.94 37.15 -1.19
N SER D 58 14.22 37.36 -1.50
CA SER D 58 14.60 38.09 -2.70
C SER D 58 14.11 37.43 -3.99
N GLY D 59 13.62 36.19 -3.93
CA GLY D 59 13.17 35.51 -5.12
C GLY D 59 11.72 35.77 -5.46
N VAL D 60 10.83 35.54 -4.50
CA VAL D 60 9.39 35.62 -4.71
C VAL D 60 9.03 36.93 -5.40
N PRO D 61 8.25 36.90 -6.49
CA PRO D 61 7.83 38.15 -7.11
C PRO D 61 6.88 38.93 -6.20
N ASP D 62 6.75 40.22 -6.50
CA ASP D 62 5.86 41.08 -5.71
C ASP D 62 4.41 40.66 -5.82
N ARG D 63 4.06 39.83 -6.80
CA ARG D 63 2.68 39.40 -6.96
C ARG D 63 2.18 38.70 -5.70
N PHE D 64 3.05 37.94 -5.03
CA PHE D 64 2.67 37.29 -3.78
C PHE D 64 2.76 38.28 -2.64
N SER D 65 1.77 38.25 -1.75
CA SER D 65 1.76 39.11 -0.59
C SER D 65 1.04 38.39 0.54
N GLY D 66 1.25 38.86 1.76
CA GLY D 66 0.65 38.25 2.92
C GLY D 66 0.12 39.29 3.89
N SER D 67 -0.90 38.89 4.65
CA SER D 67 -1.47 39.73 5.68
C SER D 67 -1.90 38.85 6.86
N GLN D 68 -1.98 39.47 8.03
CA GLN D 68 -2.33 38.76 9.25
C GLN D 68 -3.24 39.64 10.10
N SER D 69 -4.36 39.09 10.54
CA SER D 69 -5.32 39.83 11.35
C SER D 69 -5.98 38.88 12.34
N GLY D 70 -5.97 39.25 13.61
CA GLY D 70 -6.58 38.43 14.64
C GLY D 70 -5.97 37.04 14.66
N THR D 71 -6.81 36.02 14.52
CA THR D 71 -6.37 34.63 14.48
C THR D 71 -6.38 34.07 13.06
N SER D 72 -6.15 34.92 12.06
CA SER D 72 -6.16 34.50 10.67
C SER D 72 -5.01 35.13 9.92
N ALA D 73 -4.56 34.43 8.89
CA ALA D 73 -3.57 34.94 7.94
C ALA D 73 -4.07 34.65 6.53
N SER D 74 -3.58 35.42 5.57
CA SER D 74 -4.02 35.28 4.20
C SER D 74 -2.88 35.58 3.24
N LEU D 75 -2.79 34.77 2.19
CA LEU D 75 -1.84 34.95 1.10
C LEU D 75 -2.60 35.39 -0.13
N ALA D 76 -2.20 36.53 -0.70
CA ALA D 76 -2.82 37.10 -1.89
C ALA D 76 -1.87 36.96 -3.07
N ILE D 77 -2.38 36.41 -4.17
CA ILE D 77 -1.62 36.25 -5.40
C ILE D 77 -2.32 37.08 -6.46
N THR D 78 -1.70 38.18 -6.86
CA THR D 78 -2.23 39.06 -7.89
C THR D 78 -1.61 38.72 -9.25
N GLY D 79 -2.37 38.96 -10.31
CA GLY D 79 -1.91 38.62 -11.65
C GLY D 79 -1.56 37.16 -11.76
N LEU D 80 -2.52 36.30 -11.43
CA LEU D 80 -2.30 34.86 -11.41
C LEU D 80 -1.67 34.40 -12.72
N GLN D 81 -0.68 33.51 -12.60
CA GLN D 81 0.01 32.94 -13.75
C GLN D 81 -0.14 31.42 -13.73
N ALA D 82 0.12 30.81 -14.89
CA ALA D 82 0.06 29.35 -14.97
C ALA D 82 1.05 28.70 -14.03
N ASP D 83 2.20 29.33 -13.82
CA ASP D 83 3.23 28.77 -12.95
C ASP D 83 2.83 28.76 -11.48
N ASP D 84 1.70 29.39 -11.12
CA ASP D 84 1.30 29.48 -9.73
C ASP D 84 0.52 28.28 -9.24
N GLU D 85 -0.05 27.47 -10.13
CA GLU D 85 -0.80 26.30 -9.70
C GLU D 85 0.12 25.37 -8.89
N ALA D 86 -0.26 25.12 -7.63
CA ALA D 86 0.62 24.39 -6.73
C ALA D 86 -0.05 24.29 -5.36
N ASP D 87 0.57 23.52 -4.47
CA ASP D 87 0.11 23.41 -3.10
C ASP D 87 0.74 24.52 -2.27
N TYR D 88 -0.06 25.19 -1.45
CA TYR D 88 0.41 26.25 -0.57
C TYR D 88 0.16 25.83 0.86
N TYR D 89 1.19 25.88 1.69
CA TYR D 89 1.11 25.46 3.09
C TYR D 89 1.45 26.64 3.98
N CYS D 90 0.58 26.91 4.96
CA CYS D 90 0.84 27.92 5.97
C CYS D 90 1.37 27.24 7.22
N GLN D 91 2.43 27.81 7.79
CA GLN D 91 3.09 27.28 8.98
C GLN D 91 3.08 28.33 10.08
N SER D 92 2.86 27.87 11.31
CA SER D 92 2.89 28.77 12.46
C SER D 92 3.30 27.98 13.68
N TYR D 93 3.85 28.68 14.67
CA TYR D 93 4.31 28.07 15.90
C TYR D 93 3.17 28.01 16.92
N ASP D 94 2.77 26.80 17.28
CA ASP D 94 1.81 26.59 18.35
C ASP D 94 2.58 26.55 19.67
N ARG D 95 2.21 27.44 20.59
CA ARG D 95 2.88 27.51 21.88
C ARG D 95 2.38 26.43 22.84
N SER D 96 1.11 26.03 22.71
CA SER D 96 0.59 24.97 23.58
C SER D 96 1.26 23.64 23.28
N ARG D 97 1.28 23.24 22.00
CA ARG D 97 2.00 22.04 21.61
C ARG D 97 3.50 22.29 21.46
N GLY D 98 3.92 23.55 21.45
CA GLY D 98 5.33 23.91 21.40
C GLY D 98 6.07 23.44 20.16
N GLY D 99 5.70 23.94 18.99
CA GLY D 99 6.40 23.55 17.79
C GLY D 99 5.71 24.16 16.60
N TRP D 100 6.47 24.23 15.50
CA TRP D 100 5.98 24.81 14.25
C TRP D 100 5.18 23.76 13.49
N PHE D 101 3.91 24.04 13.25
CA PHE D 101 2.96 23.14 12.61
C PHE D 101 2.43 23.76 11.32
N PHE D 102 2.30 22.93 10.28
CA PHE D 102 1.79 23.35 8.99
C PHE D 102 0.27 23.29 8.97
N GLY D 103 -0.32 23.77 7.87
CA GLY D 103 -1.74 23.65 7.63
C GLY D 103 -2.04 22.48 6.71
N GLY D 104 -3.34 22.27 6.51
CA GLY D 104 -3.78 21.21 5.62
C GLY D 104 -3.30 21.39 4.19
N GLY D 105 -3.00 22.61 3.80
CA GLY D 105 -2.58 22.89 2.43
C GLY D 105 -3.75 23.24 1.54
N THR D 106 -3.48 24.14 0.59
CA THR D 106 -4.48 24.59 -0.38
C THR D 106 -3.93 24.34 -1.77
N GLN D 107 -4.70 23.62 -2.58
CA GLN D 107 -4.29 23.32 -3.95
C GLN D 107 -4.81 24.43 -4.85
N LEU D 108 -3.94 25.38 -5.18
CA LEU D 108 -4.29 26.48 -6.06
C LEU D 108 -4.23 26.00 -7.50
N THR D 109 -5.34 26.12 -8.21
CA THR D 109 -5.46 25.75 -9.61
C THR D 109 -5.71 27.00 -10.44
N VAL D 110 -5.02 27.11 -11.57
CA VAL D 110 -5.13 28.27 -12.44
C VAL D 110 -5.95 27.85 -13.66
N LEU D 111 -7.19 28.32 -13.72
CA LEU D 111 -8.10 27.96 -14.80
C LEU D 111 -7.74 28.68 -16.09
N PRO D 114 -9.85 26.80 -18.92
CA PRO D 114 -10.45 26.51 -20.23
C PRO D 114 -10.41 25.02 -20.59
N LYS D 115 -11.59 24.42 -20.78
CA LYS D 115 -11.70 23.00 -21.06
C LYS D 115 -10.79 22.59 -22.22
N ALA D 116 -10.49 21.29 -22.30
CA ALA D 116 -9.60 20.76 -23.33
C ALA D 116 -9.85 19.27 -23.44
N ALA D 117 -10.15 18.82 -24.66
CA ALA D 117 -10.38 17.40 -24.90
C ALA D 117 -9.05 16.65 -24.93
N PRO D 118 -9.07 15.36 -24.66
CA PRO D 118 -7.81 14.61 -24.51
C PRO D 118 -7.20 14.19 -25.83
N SER D 119 -5.89 14.01 -25.79
CA SER D 119 -5.12 13.40 -26.88
C SER D 119 -4.74 11.99 -26.46
N VAL D 120 -5.06 11.02 -27.30
CA VAL D 120 -4.93 9.60 -26.98
C VAL D 120 -3.91 8.96 -27.92
N THR D 121 -3.10 8.07 -27.37
CA THR D 121 -2.11 7.32 -28.14
C THR D 121 -2.14 5.87 -27.69
N LEU D 122 -2.37 4.95 -28.61
CA LEU D 122 -2.48 3.53 -28.29
C LEU D 122 -1.32 2.77 -28.91
N PHE D 123 -0.52 2.11 -28.05
CA PHE D 123 0.58 1.26 -28.45
C PHE D 123 0.20 -0.20 -28.28
N PRO D 124 0.36 -1.03 -29.31
CA PRO D 124 0.10 -2.46 -29.16
C PRO D 124 1.29 -3.16 -28.53
N PRO D 125 1.17 -4.45 -28.24
CA PRO D 125 2.28 -5.16 -27.60
C PRO D 125 3.53 -5.15 -28.48
N SER D 126 4.69 -5.17 -27.82
CA SER D 126 5.96 -5.26 -28.51
C SER D 126 6.19 -6.70 -28.99
N SER D 127 6.98 -6.83 -30.04
CA SER D 127 7.41 -8.16 -30.46
C SER D 127 8.25 -8.82 -29.36
N GLU D 128 9.15 -8.06 -28.75
CA GLU D 128 9.94 -8.59 -27.65
C GLU D 128 9.05 -9.04 -26.49
N GLU D 129 8.01 -8.25 -26.18
CA GLU D 129 7.12 -8.62 -25.09
C GLU D 129 6.33 -9.88 -25.40
N LEU D 130 5.87 -10.02 -26.64
CA LEU D 130 5.19 -11.24 -27.03
C LEU D 130 6.12 -12.44 -26.95
N GLN D 131 7.39 -12.25 -27.33
CA GLN D 131 8.35 -13.33 -27.22
C GLN D 131 8.64 -13.68 -25.77
N ALA D 132 8.32 -12.79 -24.83
CA ALA D 132 8.43 -13.07 -23.41
C ALA D 132 7.13 -13.61 -22.82
N ASN D 133 6.26 -14.18 -23.65
CA ASN D 133 4.94 -14.64 -23.21
C ASN D 133 4.25 -13.57 -22.37
N LYS D 134 4.21 -12.36 -22.92
CA LYS D 134 3.55 -11.22 -22.29
C LYS D 134 2.95 -10.36 -23.39
N ALA D 135 1.86 -9.68 -23.06
CA ALA D 135 1.27 -8.70 -23.97
C ALA D 135 0.69 -7.56 -23.14
N THR D 136 0.95 -6.33 -23.56
CA THR D 136 0.44 -5.16 -22.86
C THR D 136 0.09 -4.09 -23.88
N LEU D 137 -1.19 -3.73 -23.93
CA LEU D 137 -1.65 -2.59 -24.71
C LEU D 137 -1.61 -1.35 -23.82
N VAL D 138 -1.10 -0.25 -24.37
CA VAL D 138 -0.85 0.97 -23.60
C VAL D 138 -1.65 2.10 -24.21
N CYS D 139 -2.60 2.66 -23.45
CA CYS D 139 -3.44 3.76 -23.89
C CYS D 139 -3.07 4.98 -23.05
N LEU D 140 -2.38 5.93 -23.66
CA LEU D 140 -1.88 7.12 -22.98
C LEU D 140 -2.75 8.32 -23.33
N VAL D 141 -3.22 9.04 -22.31
CA VAL D 141 -4.08 10.20 -22.47
C VAL D 141 -3.34 11.41 -21.94
N SER D 142 -3.39 12.53 -22.67
CA SER D 142 -2.66 13.71 -22.27
C SER D 142 -3.41 14.97 -22.69
N ASP D 143 -3.13 16.07 -22.00
CA ASP D 143 -3.56 17.41 -22.40
C ASP D 143 -5.09 17.50 -22.39
N PHE D 144 -5.67 17.20 -21.24
CA PHE D 144 -7.11 17.32 -21.07
C PHE D 144 -7.41 17.99 -19.75
N TYR D 145 -8.30 18.97 -19.77
CA TYR D 145 -8.78 19.66 -18.59
C TYR D 145 -10.29 19.72 -18.63
N PRO D 146 -10.98 19.49 -17.50
CA PRO D 146 -10.48 19.17 -16.16
C PRO D 146 -9.92 17.75 -16.06
N GLY D 147 -9.73 17.25 -14.83
CA GLY D 147 -9.09 15.95 -14.66
C GLY D 147 -9.99 14.77 -15.00
N ALA D 148 -11.29 14.89 -14.71
CA ALA D 148 -12.23 13.81 -14.96
C ALA D 148 -11.98 13.15 -16.31
N VAL D 149 -11.98 11.82 -16.32
CA VAL D 149 -11.76 11.06 -17.55
C VAL D 149 -12.18 9.63 -17.32
N THR D 150 -12.82 9.03 -18.33
CA THR D 150 -13.24 7.64 -18.32
C THR D 150 -12.51 6.89 -19.41
N VAL D 151 -12.16 5.63 -19.13
CA VAL D 151 -11.45 4.77 -20.09
C VAL D 151 -12.17 3.45 -20.19
N ALA D 152 -12.43 3.00 -21.42
CA ALA D 152 -13.05 1.69 -21.65
C ALA D 152 -12.30 0.96 -22.76
N TRP D 153 -12.20 -0.36 -22.62
CA TRP D 153 -11.50 -1.21 -23.57
C TRP D 153 -12.48 -2.14 -24.27
N LYS D 154 -12.25 -2.39 -25.55
CA LYS D 154 -13.11 -3.28 -26.31
C LYS D 154 -12.29 -4.11 -27.29
N ALA D 155 -12.52 -5.41 -27.29
CA ALA D 155 -11.88 -6.35 -28.21
C ALA D 155 -12.94 -6.87 -29.18
N ASP D 156 -12.74 -6.58 -30.47
CA ASP D 156 -13.73 -6.92 -31.50
C ASP D 156 -15.10 -6.31 -31.19
N GLY D 157 -15.09 -5.13 -30.58
CA GLY D 157 -16.31 -4.45 -30.21
C GLY D 157 -16.93 -4.92 -28.91
N SER D 158 -16.53 -6.07 -28.40
CA SER D 158 -17.07 -6.60 -27.16
C SER D 158 -16.27 -6.07 -25.97
N PRO D 159 -16.93 -5.59 -24.91
CA PRO D 159 -16.18 -5.07 -23.77
C PRO D 159 -15.19 -6.08 -23.20
N VAL D 160 -14.02 -5.58 -22.82
CA VAL D 160 -13.00 -6.37 -22.16
C VAL D 160 -13.32 -6.47 -20.68
N LYS D 161 -13.09 -7.66 -20.13
CA LYS D 161 -13.56 -8.02 -18.80
C LYS D 161 -12.46 -8.24 -17.78
N VAL D 162 -11.21 -8.44 -18.20
CA VAL D 162 -10.11 -8.67 -17.27
C VAL D 162 -8.84 -8.02 -17.81
N GLY D 163 -8.01 -7.53 -16.88
CA GLY D 163 -6.70 -7.00 -17.23
C GLY D 163 -6.57 -5.50 -17.37
N VAL D 164 -7.57 -4.71 -16.96
CA VAL D 164 -7.54 -3.27 -17.12
C VAL D 164 -6.95 -2.64 -15.86
N GLU D 165 -5.94 -1.80 -16.04
CA GLU D 165 -5.31 -1.04 -14.97
C GLU D 165 -5.24 0.41 -15.40
N THR D 166 -5.93 1.30 -14.69
CA THR D 166 -5.97 2.71 -15.04
C THR D 166 -5.53 3.57 -13.87
N THR D 167 -4.85 4.66 -14.17
CA THR D 167 -4.37 5.60 -13.18
C THR D 167 -5.30 6.80 -13.11
N LYS D 168 -5.34 7.45 -11.95
CA LYS D 168 -6.16 8.65 -11.85
C LYS D 168 -5.42 9.86 -12.42
N PRO D 169 -6.15 10.80 -13.02
CA PRO D 169 -5.50 11.94 -13.70
C PRO D 169 -4.50 12.68 -12.84
N SER D 170 -3.27 12.75 -13.32
CA SER D 170 -2.21 13.54 -12.69
C SER D 170 -2.07 14.87 -13.41
N LYS D 171 -1.37 15.81 -12.77
CA LYS D 171 -1.15 17.12 -13.35
C LYS D 171 0.12 17.12 -14.20
N GLN D 172 0.04 17.75 -15.36
CA GLN D 172 1.19 17.93 -16.23
C GLN D 172 1.95 19.20 -15.83
N SER D 173 3.09 19.40 -16.49
CA SER D 173 3.84 20.63 -16.30
C SER D 173 3.19 21.83 -16.98
N ASN D 174 2.21 21.59 -17.85
CA ASN D 174 1.49 22.67 -18.53
C ASN D 174 0.17 23.00 -17.85
N ASN D 175 -0.04 22.52 -16.63
CA ASN D 175 -1.20 22.77 -15.77
C ASN D 175 -2.40 21.91 -16.18
N LYS D 176 -2.32 21.17 -17.28
CA LYS D 176 -3.42 20.30 -17.70
C LYS D 176 -3.28 18.94 -17.01
N TYR D 177 -3.82 17.88 -17.59
CA TYR D 177 -3.81 16.58 -16.95
C TYR D 177 -3.43 15.48 -17.94
N ALA D 178 -2.92 14.38 -17.38
CA ALA D 178 -2.54 13.20 -18.13
C ALA D 178 -2.94 11.95 -17.35
N ALA D 179 -2.95 10.82 -18.06
CA ALA D 179 -3.30 9.54 -17.46
C ALA D 179 -2.85 8.42 -18.39
N SER D 180 -2.91 7.19 -17.88
CA SER D 180 -2.46 6.04 -18.63
C SER D 180 -3.27 4.82 -18.22
N SER D 181 -3.51 3.95 -19.21
CA SER D 181 -4.25 2.71 -18.98
C SER D 181 -3.53 1.57 -19.67
N TYR D 182 -3.59 0.40 -19.04
CA TYR D 182 -2.86 -0.78 -19.50
C TYR D 182 -3.80 -1.97 -19.54
N LEU D 183 -3.79 -2.68 -20.67
CA LEU D 183 -4.53 -3.93 -20.81
C LEU D 183 -3.54 -5.07 -20.95
N SER D 184 -3.56 -6.00 -19.99
CA SER D 184 -2.63 -7.12 -19.94
C SER D 184 -3.27 -8.34 -20.59
N LEU D 185 -2.54 -8.97 -21.50
CA LEU D 185 -3.02 -10.13 -22.24
C LEU D 185 -1.89 -11.14 -22.39
N THR D 186 -2.29 -12.38 -22.75
CA THR D 186 -1.37 -13.39 -23.21
C THR D 186 -1.25 -13.34 -24.72
N PRO D 187 -0.11 -13.71 -25.29
CA PRO D 187 0.04 -13.62 -26.76
C PRO D 187 -1.11 -14.25 -27.53
N GLU D 188 -1.61 -15.40 -27.07
CA GLU D 188 -2.71 -16.06 -27.79
C GLU D 188 -3.98 -15.23 -27.72
N GLN D 189 -4.26 -14.61 -26.58
CA GLN D 189 -5.41 -13.71 -26.49
C GLN D 189 -5.26 -12.55 -27.47
N TRP D 190 -4.07 -11.94 -27.50
CA TRP D 190 -3.85 -10.80 -28.38
C TRP D 190 -3.99 -11.20 -29.84
N LYS D 191 -3.57 -12.41 -30.21
CA LYS D 191 -3.65 -12.84 -31.60
C LYS D 191 -5.02 -13.41 -31.98
N SER D 192 -5.85 -13.77 -30.99
CA SER D 192 -7.12 -14.40 -31.29
C SER D 192 -8.23 -13.43 -31.65
N HIS D 193 -8.04 -12.13 -31.44
CA HIS D 193 -8.99 -11.10 -31.83
C HIS D 193 -8.42 -10.29 -32.99
N ARG D 194 -9.33 -9.59 -33.69
CA ARG D 194 -8.94 -8.82 -34.85
C ARG D 194 -8.65 -7.35 -34.55
N SER D 195 -9.08 -6.85 -33.40
CA SER D 195 -8.80 -5.46 -33.05
C SER D 195 -9.07 -5.26 -31.56
N TYR D 196 -8.27 -4.41 -30.94
CA TYR D 196 -8.51 -3.88 -29.60
C TYR D 196 -8.59 -2.37 -29.70
N SER D 197 -9.35 -1.76 -28.80
CA SER D 197 -9.52 -0.31 -28.85
C SER D 197 -9.72 0.23 -27.44
N CYS D 198 -9.19 1.42 -27.20
CA CYS D 198 -9.47 2.16 -25.98
C CYS D 198 -10.22 3.44 -26.32
N ARG D 199 -11.25 3.72 -25.53
CA ARG D 199 -12.11 4.88 -25.67
C ARG D 199 -11.96 5.74 -24.42
N VAL D 200 -11.60 7.00 -24.61
CA VAL D 200 -11.38 7.95 -23.54
C VAL D 200 -12.51 8.98 -23.62
N THR D 201 -13.41 8.94 -22.65
CA THR D 201 -14.53 9.86 -22.55
C THR D 201 -14.17 11.00 -21.61
N HIS D 202 -14.55 12.21 -22.01
CA HIS D 202 -14.21 13.41 -21.25
C HIS D 202 -15.23 14.48 -21.63
N GLU D 203 -16.03 14.91 -20.66
CA GLU D 203 -17.03 15.96 -20.89
C GLU D 203 -17.91 15.60 -22.09
N GLY D 204 -18.36 14.34 -22.12
CA GLY D 204 -19.25 13.87 -23.16
C GLY D 204 -18.59 13.58 -24.49
N SER D 205 -17.33 13.94 -24.68
CA SER D 205 -16.62 13.71 -25.93
C SER D 205 -15.66 12.53 -25.76
N THR D 206 -15.76 11.55 -26.65
CA THR D 206 -14.94 10.35 -26.56
C THR D 206 -13.99 10.26 -27.73
N VAL D 207 -12.73 9.93 -27.43
CA VAL D 207 -11.70 9.69 -28.44
C VAL D 207 -11.40 8.19 -28.43
N GLU D 208 -11.46 7.57 -29.60
CA GLU D 208 -11.33 6.12 -29.70
C GLU D 208 -10.12 5.77 -30.59
N LYS D 209 -9.24 4.93 -30.06
CA LYS D 209 -8.08 4.46 -30.79
C LYS D 209 -8.12 2.94 -30.89
N THR D 210 -7.67 2.39 -32.02
CA THR D 210 -7.77 0.97 -32.32
C THR D 210 -6.46 0.46 -32.87
N VAL D 211 -6.08 -0.75 -32.45
CA VAL D 211 -4.92 -1.47 -32.96
C VAL D 211 -5.34 -2.87 -33.35
N ALA D 212 -4.57 -3.48 -34.25
CA ALA D 212 -4.88 -4.81 -34.77
C ALA D 212 -3.61 -5.63 -34.90
N PRO D 213 -3.65 -6.93 -34.53
CA PRO D 213 -2.45 -7.76 -34.69
C PRO D 213 -1.99 -7.87 -36.14
#